data_5VVV
#
_entry.id   5VVV
#
_cell.length_a   83.084
_cell.length_b   96.258
_cell.length_c   89.809
_cell.angle_alpha   90.00
_cell.angle_beta   114.29
_cell.angle_gamma   90.00
#
_symmetry.space_group_name_H-M   'P 1 21 1'
#
loop_
_entity.id
_entity.type
_entity.pdbx_description
1 polymer 'Protein O-GlcNAcase'
2 polymer 'a-crystallin B'
3 non-polymer 2-acetamido-2-deoxy-beta-D-glucopyranose
4 water water
#
loop_
_entity_poly.entity_id
_entity_poly.type
_entity_poly.pdbx_seq_one_letter_code
_entity_poly.pdbx_strand_id
1 'polypeptide(L)'
;HFLCGVVEGFYGRPWVMEQRKELFRRLQKWELNTYLYAPKDDYKHRMFWREMYSVEEAEQLMTLISAAREYEIEFIYAIS
PGLDITFSNPKEVSTLKRKLDQVSQFGCRSFALLFDNIDHNMCAADKEVFSSFAHAQVSITNEIYQYLGEPETFLFCPTE
YCGTFCYPNVSQSPYLRTVGEKLLPGIEVLWTGPKVVSKEIPVESIEEVSKIIKRAPVIWDNIHANDYDQKRLFLGPYKG
RSTELIPRLKGVLTNPNCEFEANYVAIHTLATWYKSNMNGVRKDVVMTDSEDSTVSIQIKLENEGSDEDIETDVLYSPQM
ALKLALTEWLQEFGVPHQYSSRGGGGSGGGGSVTLEDLQLLADLFYLPYEHGPKGAQMLREFQWLRANSSVVSVNCKGKD
SEKIEEWRSRAAKFEEMCGLVMGMFTRLSNCANRTILYDMYSYVWDIKSIMSMVKSFVQWLGCRSHSSAQFLIGDQEPWA
FRGGLAGEFQRLLPIDGANDLFFQ
;
A,C
2 'polypeptide(L)' FPTSTSLSPFYLR B,D
#
loop_
_chem_comp.id
_chem_comp.type
_chem_comp.name
_chem_comp.formula
NAG D-saccharide, beta linking 2-acetamido-2-deoxy-beta-D-glucopyranose 'C8 H15 N O6'
#
# COMPACT_ATOMS: atom_id res chain seq x y z
N HIS A 1 19.46 -32.53 6.12
CA HIS A 1 18.92 -31.95 4.81
C HIS A 1 18.85 -30.42 4.61
N PHE A 2 18.89 -30.02 3.34
CA PHE A 2 19.04 -28.63 2.85
C PHE A 2 17.71 -27.90 2.83
N LEU A 3 17.74 -26.69 3.38
CA LEU A 3 16.54 -25.93 3.64
C LEU A 3 16.23 -24.97 2.49
N CYS A 4 15.12 -25.18 1.81
CA CYS A 4 14.73 -24.23 0.78
C CYS A 4 13.28 -23.83 0.90
N GLY A 5 13.01 -22.54 1.06
CA GLY A 5 11.64 -22.09 1.21
C GLY A 5 11.55 -20.61 1.36
N VAL A 6 10.56 -20.19 2.13
CA VAL A 6 10.31 -18.76 2.38
C VAL A 6 10.50 -18.35 3.88
N VAL A 7 11.04 -17.16 4.12
CA VAL A 7 10.96 -16.51 5.40
C VAL A 7 10.02 -15.32 5.26
N GLU A 8 9.00 -15.29 6.12
CA GLU A 8 8.12 -14.13 6.26
C GLU A 8 8.88 -13.25 7.23
N GLY A 9 9.68 -12.34 6.70
CA GLY A 9 10.64 -11.64 7.50
C GLY A 9 10.75 -10.16 7.26
N PHE A 10 9.65 -9.53 6.88
CA PHE A 10 9.69 -8.11 6.49
C PHE A 10 8.99 -7.16 7.46
N TYR A 11 9.32 -5.90 7.35
CA TYR A 11 8.57 -4.89 8.07
C TYR A 11 7.24 -4.66 7.40
N GLY A 12 6.26 -4.23 8.18
CA GLY A 12 4.91 -3.90 7.69
C GLY A 12 3.87 -4.91 8.13
N ARG A 13 2.69 -4.79 7.54
CA ARG A 13 1.61 -5.76 7.72
C ARG A 13 2.12 -7.17 7.50
N PRO A 14 1.95 -8.05 8.49
CA PRO A 14 2.30 -9.46 8.26
C PRO A 14 1.15 -10.14 7.55
N TRP A 15 1.50 -11.22 6.83
CA TRP A 15 0.50 -12.09 6.20
C TRP A 15 -0.44 -12.64 7.27
N VAL A 16 -1.67 -12.87 6.89
CA VAL A 16 -2.66 -13.53 7.78
C VAL A 16 -2.59 -15.06 7.63
N MET A 17 -3.30 -15.75 8.53
CA MET A 17 -3.26 -17.22 8.65
C MET A 17 -3.80 -17.88 7.40
N GLU A 18 -4.91 -17.38 6.88
CA GLU A 18 -5.43 -17.93 5.65
C GLU A 18 -4.47 -17.75 4.44
N GLN A 19 -3.56 -16.77 4.51
CA GLN A 19 -2.54 -16.59 3.47
C GLN A 19 -1.36 -17.55 3.68
N ARG A 20 -0.86 -17.63 4.91
CA ARG A 20 0.22 -18.55 5.22
C ARG A 20 -0.09 -20.03 4.87
N LYS A 21 -1.35 -20.44 5.05
CA LYS A 21 -1.78 -21.80 4.76
C LYS A 21 -1.68 -22.04 3.27
N GLU A 22 -2.18 -21.08 2.48
CA GLU A 22 -1.97 -21.06 1.03
C GLU A 22 -0.49 -21.08 0.66
N LEU A 23 0.35 -20.37 1.43
CA LEU A 23 1.77 -20.47 1.14
C LEU A 23 2.20 -21.94 1.28
N PHE A 24 1.70 -22.60 2.32
CA PHE A 24 2.14 -23.96 2.58
C PHE A 24 1.79 -24.86 1.42
N ARG A 25 0.60 -24.71 0.83
CA ARG A 25 0.13 -25.54 -0.28
C ARG A 25 1.10 -25.46 -1.45
N ARG A 26 1.54 -24.22 -1.73
CA ARG A 26 2.38 -23.91 -2.86
C ARG A 26 3.80 -24.33 -2.62
N LEU A 27 4.31 -24.17 -1.40
CA LEU A 27 5.67 -24.71 -1.15
C LEU A 27 5.74 -26.25 -1.43
N GLN A 28 4.71 -26.96 -1.01
CA GLN A 28 4.65 -28.38 -1.23
C GLN A 28 4.54 -28.69 -2.71
N LYS A 29 3.54 -28.10 -3.37
CA LYS A 29 3.31 -28.27 -4.80
C LYS A 29 4.60 -28.08 -5.59
N TRP A 30 5.42 -27.12 -5.17
CA TRP A 30 6.65 -26.84 -5.89
C TRP A 30 7.87 -27.55 -5.31
N GLU A 31 7.63 -28.43 -4.33
CA GLU A 31 8.67 -29.32 -3.75
C GLU A 31 9.75 -28.59 -2.93
N LEU A 32 9.35 -27.48 -2.30
CA LEU A 32 10.14 -26.73 -1.32
C LEU A 32 9.78 -27.23 0.10
N ASN A 33 10.58 -26.92 1.12
CA ASN A 33 10.43 -27.62 2.41
C ASN A 33 10.28 -26.80 3.70
N THR A 34 10.61 -25.52 3.66
CA THR A 34 10.82 -24.74 4.88
C THR A 34 10.05 -23.44 4.88
N TYR A 35 9.66 -22.97 6.07
CA TYR A 35 9.00 -21.66 6.30
C TYR A 35 9.47 -21.05 7.59
N LEU A 36 10.23 -19.95 7.49
CA LEU A 36 10.80 -19.28 8.69
C LEU A 36 9.90 -18.15 9.13
N TYR A 37 9.27 -18.30 10.29
CA TYR A 37 8.28 -17.30 10.78
C TYR A 37 8.84 -16.09 11.55
N ALA A 38 9.24 -15.05 10.84
CA ALA A 38 9.98 -13.92 11.42
C ALA A 38 9.40 -12.52 11.17
N PRO A 39 8.06 -12.36 11.15
CA PRO A 39 7.54 -11.07 10.61
C PRO A 39 7.77 -9.91 11.56
N LYS A 40 8.66 -8.97 11.18
CA LYS A 40 9.20 -7.93 12.07
C LYS A 40 8.15 -7.12 12.85
N ASP A 41 6.97 -6.90 12.27
CA ASP A 41 6.01 -6.04 12.91
C ASP A 41 4.75 -6.77 13.33
N ASP A 42 4.89 -8.08 13.46
CA ASP A 42 3.85 -8.85 14.10
C ASP A 42 4.26 -8.87 15.53
N TYR A 43 3.69 -7.99 16.36
CA TYR A 43 4.13 -7.90 17.78
C TYR A 43 4.10 -9.28 18.41
N LYS A 44 4.79 -9.46 19.53
CA LYS A 44 4.95 -10.79 20.16
C LYS A 44 6.04 -11.58 19.45
N HIS A 45 6.49 -11.11 18.29
CA HIS A 45 7.65 -11.68 17.63
C HIS A 45 8.89 -10.90 18.00
N ARG A 46 8.72 -9.59 18.17
CA ARG A 46 9.86 -8.72 18.45
C ARG A 46 9.56 -7.67 19.52
N MET A 47 8.42 -7.01 19.39
CA MET A 47 8.18 -5.81 20.16
C MET A 47 7.71 -6.10 21.57
N PHE A 48 6.63 -6.87 21.66
CA PHE A 48 6.16 -7.38 22.92
C PHE A 48 6.50 -8.85 22.90
N TRP A 49 7.78 -9.16 22.75
CA TRP A 49 8.18 -10.56 22.60
C TRP A 49 8.06 -11.39 23.85
N ARG A 50 8.24 -10.75 25.01
CA ARG A 50 7.97 -11.34 26.32
C ARG A 50 6.53 -11.88 26.46
N GLU A 51 5.54 -11.07 26.10
CA GLU A 51 4.13 -11.45 26.24
C GLU A 51 3.72 -12.75 25.51
N MET A 52 2.96 -13.59 26.19
CA MET A 52 2.58 -14.88 25.64
C MET A 52 1.21 -14.84 24.99
N TYR A 53 0.95 -15.81 24.11
CA TYR A 53 -0.23 -15.78 23.25
C TYR A 53 -1.51 -15.97 24.06
N SER A 54 -2.55 -15.24 23.73
CA SER A 54 -3.84 -15.44 24.40
C SER A 54 -4.45 -16.81 24.14
N VAL A 55 -5.56 -17.09 24.81
CA VAL A 55 -6.41 -18.25 24.50
C VAL A 55 -6.69 -18.33 22.97
N GLU A 56 -7.18 -17.24 22.38
CA GLU A 56 -7.61 -17.24 20.98
C GLU A 56 -6.45 -17.26 19.98
N GLU A 57 -5.39 -16.53 20.28
CA GLU A 57 -4.15 -16.52 19.48
C GLU A 57 -3.54 -17.92 19.42
N ALA A 58 -3.32 -18.52 20.59
CA ALA A 58 -2.93 -19.92 20.73
C ALA A 58 -3.68 -20.89 19.80
N GLU A 59 -5.01 -20.80 19.76
CA GLU A 59 -5.82 -21.58 18.84
C GLU A 59 -5.43 -21.34 17.36
N GLN A 60 -5.28 -20.05 16.98
CA GLN A 60 -4.92 -19.63 15.60
C GLN A 60 -3.55 -20.18 15.17
N LEU A 61 -2.55 -19.95 15.99
CA LEU A 61 -1.19 -20.36 15.72
C LEU A 61 -1.05 -21.89 15.58
N MET A 62 -1.62 -22.63 16.53
CA MET A 62 -1.66 -24.10 16.50
C MET A 62 -2.24 -24.69 15.23
N THR A 63 -3.44 -24.22 14.86
CA THR A 63 -4.09 -24.54 13.58
C THR A 63 -3.12 -24.39 12.40
N LEU A 64 -2.27 -23.35 12.48
CA LEU A 64 -1.30 -23.07 11.44
C LEU A 64 -0.19 -24.09 11.42
N ILE A 65 0.52 -24.23 12.55
CA ILE A 65 1.54 -25.31 12.71
C ILE A 65 1.02 -26.72 12.30
N SER A 66 -0.25 -27.02 12.59
CA SER A 66 -0.89 -28.25 12.14
C SER A 66 -0.78 -28.33 10.63
N ALA A 67 -1.31 -27.31 9.96
CA ALA A 67 -1.27 -27.20 8.51
C ALA A 67 0.15 -27.26 7.89
N ALA A 68 1.17 -26.81 8.61
CA ALA A 68 2.56 -26.98 8.14
C ALA A 68 2.94 -28.45 8.01
N ARG A 69 2.60 -29.20 9.06
CA ARG A 69 2.87 -30.65 9.15
C ARG A 69 2.03 -31.39 8.09
N GLU A 70 0.75 -31.01 7.99
CA GLU A 70 -0.18 -31.59 7.02
C GLU A 70 0.34 -31.48 5.61
N TYR A 71 1.17 -30.47 5.35
CA TYR A 71 1.66 -30.16 4.01
C TYR A 71 3.13 -30.47 3.78
N GLU A 72 3.71 -31.19 4.74
CA GLU A 72 5.13 -31.60 4.77
C GLU A 72 6.03 -30.40 4.56
N ILE A 73 5.73 -29.32 5.29
CA ILE A 73 6.56 -28.11 5.35
C ILE A 73 7.04 -27.89 6.80
N GLU A 74 8.37 -27.87 6.97
CA GLU A 74 9.02 -27.53 8.22
C GLU A 74 8.77 -26.08 8.66
N PHE A 75 8.27 -25.92 9.87
CA PHE A 75 7.92 -24.65 10.44
C PHE A 75 8.97 -24.26 11.46
N ILE A 76 9.71 -23.20 11.18
CA ILE A 76 10.71 -22.66 12.12
C ILE A 76 10.17 -21.35 12.73
N TYR A 77 10.00 -21.32 14.06
CA TYR A 77 9.49 -20.17 14.79
C TYR A 77 10.67 -19.35 15.25
N ALA A 78 10.70 -18.10 14.80
CA ALA A 78 11.75 -17.16 15.15
C ALA A 78 11.28 -16.08 16.14
N ILE A 79 12.22 -15.65 16.96
CA ILE A 79 11.97 -14.60 17.94
C ILE A 79 13.14 -13.62 17.92
N SER A 80 12.79 -12.33 17.95
CA SER A 80 13.78 -11.25 17.84
C SER A 80 13.77 -10.43 19.12
N PRO A 81 14.56 -10.84 20.14
CA PRO A 81 14.44 -10.13 21.40
C PRO A 81 15.51 -9.04 21.62
N GLY A 82 16.63 -9.16 20.90
CA GLY A 82 17.84 -8.37 21.11
C GLY A 82 17.72 -6.85 21.10
N LEU A 83 16.49 -6.35 20.96
CA LEU A 83 16.23 -4.92 20.97
C LEU A 83 16.49 -4.30 22.34
N ASP A 84 15.88 -4.86 23.38
CA ASP A 84 15.90 -4.29 24.74
C ASP A 84 16.06 -5.35 25.83
N ILE A 85 16.25 -6.60 25.44
CA ILE A 85 16.54 -7.68 26.37
C ILE A 85 17.83 -7.38 27.13
N THR A 86 17.83 -7.72 28.43
CA THR A 86 19.04 -7.72 29.23
C THR A 86 19.47 -9.17 29.34
N PHE A 87 20.72 -9.39 28.94
CA PHE A 87 21.29 -10.72 28.71
C PHE A 87 21.53 -11.49 30.01
N SER A 88 22.07 -10.80 31.02
CA SER A 88 22.45 -11.42 32.29
C SER A 88 21.27 -11.64 33.25
N ASN A 89 20.28 -10.74 33.21
CA ASN A 89 19.04 -10.86 34.00
C ASN A 89 18.35 -12.22 33.72
N PRO A 90 18.21 -13.07 34.77
CA PRO A 90 17.55 -14.36 34.64
C PRO A 90 16.03 -14.28 34.52
N LYS A 91 15.44 -13.15 34.94
CA LYS A 91 14.01 -12.87 34.72
C LYS A 91 13.65 -12.88 33.22
N GLU A 92 14.48 -12.21 32.42
CA GLU A 92 14.37 -12.17 30.95
C GLU A 92 14.57 -13.58 30.35
N VAL A 93 15.71 -14.19 30.65
CA VAL A 93 16.07 -15.53 30.15
C VAL A 93 14.97 -16.58 30.44
N SER A 94 14.46 -16.60 31.66
CA SER A 94 13.32 -17.47 32.00
C SER A 94 12.04 -17.04 31.25
N THR A 95 11.94 -15.76 30.93
CA THR A 95 10.77 -15.25 30.18
C THR A 95 10.84 -15.66 28.70
N LEU A 96 12.08 -15.77 28.19
CA LEU A 96 12.37 -16.33 26.88
C LEU A 96 11.99 -17.81 26.80
N LYS A 97 12.58 -18.67 27.65
CA LYS A 97 12.23 -20.09 27.68
C LYS A 97 10.71 -20.31 27.71
N ARG A 98 10.02 -19.56 28.56
CA ARG A 98 8.59 -19.77 28.77
C ARG A 98 7.81 -19.43 27.53
N LYS A 99 8.30 -18.40 26.81
CA LYS A 99 7.76 -18.01 25.50
C LYS A 99 7.92 -19.14 24.45
N LEU A 100 9.13 -19.69 24.37
CA LEU A 100 9.48 -20.76 23.45
C LEU A 100 8.68 -22.04 23.72
N ASP A 101 8.65 -22.42 25.00
CA ASP A 101 7.86 -23.56 25.44
C ASP A 101 6.41 -23.53 24.96
N GLN A 102 5.83 -22.34 25.01
CA GLN A 102 4.41 -22.23 24.75
C GLN A 102 4.04 -22.58 23.30
N VAL A 103 4.97 -22.25 22.38
CA VAL A 103 4.77 -22.54 20.97
C VAL A 103 5.16 -23.99 20.68
N SER A 104 6.12 -24.51 21.46
CA SER A 104 6.45 -25.94 21.48
C SER A 104 5.20 -26.83 21.71
N GLN A 105 4.44 -26.51 22.73
CA GLN A 105 3.15 -27.15 22.96
C GLN A 105 2.09 -26.77 21.91
N PHE A 106 2.43 -25.83 21.03
CA PHE A 106 1.57 -25.56 19.86
C PHE A 106 1.82 -26.59 18.74
N GLY A 107 2.87 -27.37 18.91
CA GLY A 107 3.25 -28.38 17.95
C GLY A 107 4.58 -28.11 17.28
N CYS A 108 5.29 -27.07 17.74
CA CYS A 108 6.44 -26.55 17.01
C CYS A 108 7.70 -27.26 17.44
N ARG A 109 8.52 -27.70 16.50
CA ARG A 109 9.74 -28.44 16.84
C ARG A 109 11.03 -27.80 16.31
N SER A 110 10.93 -26.75 15.50
CA SER A 110 12.14 -26.03 15.02
C SER A 110 12.13 -24.52 15.38
N PHE A 111 13.31 -23.94 15.65
CA PHE A 111 13.40 -22.57 16.21
C PHE A 111 14.50 -21.67 15.64
N ALA A 112 14.30 -20.35 15.81
CA ALA A 112 15.32 -19.35 15.45
C ALA A 112 15.38 -18.18 16.41
N LEU A 113 16.61 -17.68 16.62
CA LEU A 113 16.84 -16.47 17.39
C LEU A 113 17.51 -15.44 16.49
N LEU A 114 16.85 -14.29 16.34
CA LEU A 114 17.31 -13.24 15.41
C LEU A 114 17.87 -12.00 16.09
N PHE A 115 19.11 -11.67 15.74
CA PHE A 115 19.78 -10.49 16.28
C PHE A 115 20.22 -9.55 15.17
N ASP A 116 19.31 -9.21 14.28
CA ASP A 116 19.65 -8.37 13.13
C ASP A 116 19.16 -6.97 13.43
N ASN A 117 19.91 -5.96 12.98
CA ASN A 117 19.45 -4.55 13.08
C ASN A 117 19.13 -4.14 14.52
N ILE A 118 20.17 -4.14 15.34
CA ILE A 118 20.08 -3.79 16.77
C ILE A 118 21.42 -3.19 17.16
N ASP A 119 21.37 -2.18 18.02
CA ASP A 119 22.54 -1.47 18.54
C ASP A 119 23.72 -2.41 18.92
N HIS A 120 24.90 -2.20 18.30
CA HIS A 120 26.20 -2.87 18.63
C HIS A 120 26.64 -3.06 20.11
N ASN A 121 26.21 -2.21 21.03
CA ASN A 121 26.67 -2.30 22.42
C ASN A 121 25.58 -2.58 23.46
N MET A 122 25.99 -3.14 24.60
CA MET A 122 25.10 -3.60 25.68
C MET A 122 25.05 -2.59 26.84
N CYS A 123 24.11 -2.79 27.78
CA CYS A 123 24.08 -2.03 29.04
C CYS A 123 25.26 -2.42 29.93
N ALA A 124 25.53 -1.63 30.98
CA ALA A 124 26.68 -1.90 31.86
C ALA A 124 26.58 -3.26 32.57
N ALA A 125 25.41 -3.55 33.16
CA ALA A 125 25.11 -4.86 33.77
C ALA A 125 25.63 -6.05 32.91
N ASP A 126 25.33 -6.03 31.60
CA ASP A 126 25.85 -7.06 30.69
C ASP A 126 27.30 -6.81 30.25
N LYS A 127 27.76 -5.54 30.23
CA LYS A 127 29.17 -5.20 29.90
C LYS A 127 30.13 -5.86 30.89
N GLU A 128 29.57 -6.13 32.08
CA GLU A 128 30.21 -6.89 33.15
C GLU A 128 30.29 -8.37 32.80
N VAL A 129 29.12 -9.02 32.74
CA VAL A 129 28.99 -10.49 32.63
C VAL A 129 29.64 -11.09 31.38
N PHE A 130 29.69 -10.33 30.29
CA PHE A 130 30.18 -10.86 29.01
C PHE A 130 31.35 -10.02 28.47
N SER A 131 32.31 -10.67 27.81
CA SER A 131 33.50 -9.98 27.30
C SER A 131 33.27 -9.05 26.08
N SER A 132 32.74 -9.57 24.98
CA SER A 132 32.35 -8.78 23.78
C SER A 132 30.85 -8.92 23.48
N PHE A 133 30.35 -8.23 22.45
CA PHE A 133 28.95 -8.35 22.03
C PHE A 133 28.57 -9.75 21.54
N ALA A 134 29.39 -10.25 20.60
CA ALA A 134 29.27 -11.58 20.08
C ALA A 134 29.05 -12.58 21.21
N HIS A 135 30.07 -12.72 22.06
CA HIS A 135 30.04 -13.53 23.30
C HIS A 135 28.68 -13.58 24.00
N ALA A 136 28.05 -12.42 24.18
CA ALA A 136 26.75 -12.34 24.83
C ALA A 136 25.67 -13.15 24.11
N GLN A 137 25.55 -12.95 22.79
CA GLN A 137 24.49 -13.61 22.01
C GLN A 137 24.68 -15.12 21.94
N VAL A 138 25.88 -15.52 21.52
CA VAL A 138 26.32 -16.92 21.50
C VAL A 138 25.90 -17.63 22.81
N SER A 139 26.27 -17.03 23.94
CA SER A 139 25.97 -17.58 25.25
C SER A 139 24.48 -17.90 25.44
N ILE A 140 23.62 -16.95 25.11
CA ILE A 140 22.19 -17.13 25.30
C ILE A 140 21.55 -18.08 24.27
N THR A 141 21.89 -17.91 22.99
CA THR A 141 21.49 -18.83 21.93
C THR A 141 21.77 -20.29 22.33
N ASN A 142 23.04 -20.60 22.67
CA ASN A 142 23.47 -21.94 23.11
C ASN A 142 22.60 -22.50 24.24
N GLU A 143 22.28 -21.66 25.22
CA GLU A 143 21.47 -22.10 26.33
C GLU A 143 20.07 -22.54 25.94
N ILE A 144 19.38 -21.70 25.17
CA ILE A 144 18.01 -21.96 24.70
C ILE A 144 17.97 -23.18 23.76
N TYR A 145 19.06 -23.40 23.03
CA TYR A 145 19.30 -24.62 22.28
C TYR A 145 19.18 -25.85 23.20
N GLN A 146 20.03 -25.91 24.23
CA GLN A 146 19.99 -27.04 25.16
C GLN A 146 18.70 -27.10 25.92
N TYR A 147 18.27 -25.96 26.47
CA TYR A 147 16.99 -25.91 27.17
C TYR A 147 15.83 -26.58 26.43
N LEU A 148 15.80 -26.46 25.10
CA LEU A 148 14.72 -27.05 24.28
C LEU A 148 15.00 -28.48 23.85
N GLY A 149 16.15 -29.01 24.24
CA GLY A 149 16.55 -30.36 23.88
C GLY A 149 17.18 -30.39 22.51
N GLU A 150 18.15 -29.49 22.32
CA GLU A 150 19.02 -29.42 21.14
C GLU A 150 18.40 -29.78 19.74
N PRO A 151 17.22 -29.18 19.38
CA PRO A 151 16.31 -29.68 18.31
C PRO A 151 16.91 -29.79 16.88
N GLU A 152 16.18 -30.46 15.99
CA GLU A 152 16.70 -30.74 14.63
C GLU A 152 17.04 -29.47 13.85
N THR A 153 16.13 -28.49 13.80
CA THR A 153 16.50 -27.19 13.16
C THR A 153 16.53 -26.00 14.14
N PHE A 154 17.72 -25.43 14.26
CA PHE A 154 17.87 -24.25 15.07
C PHE A 154 18.72 -23.19 14.37
N LEU A 155 18.10 -22.02 14.20
CA LEU A 155 18.73 -20.94 13.47
C LEU A 155 19.06 -19.72 14.34
N PHE A 156 20.25 -19.20 14.09
CA PHE A 156 20.70 -17.99 14.73
C PHE A 156 21.08 -17.01 13.62
N CYS A 157 20.63 -15.77 13.76
CA CYS A 157 20.93 -14.72 12.80
C CYS A 157 21.78 -13.60 13.40
N PRO A 158 23.01 -13.44 12.87
CA PRO A 158 23.96 -12.44 13.39
C PRO A 158 23.51 -10.97 13.29
N THR A 159 24.22 -10.08 13.96
CA THR A 159 24.03 -8.64 13.80
C THR A 159 24.93 -8.20 12.66
N GLU A 160 25.99 -8.95 12.44
CA GLU A 160 26.74 -8.78 11.23
C GLU A 160 26.32 -9.94 10.34
N TYR A 161 25.14 -9.75 9.71
CA TYR A 161 24.51 -10.76 8.88
C TYR A 161 24.77 -10.59 7.38
N CYS A 162 25.67 -9.67 7.00
CA CYS A 162 26.06 -9.49 5.59
C CYS A 162 27.42 -8.80 5.43
N GLY A 163 28.11 -9.04 4.30
CA GLY A 163 29.43 -8.47 4.01
C GLY A 163 29.73 -7.04 4.47
N THR A 164 28.93 -6.10 4.02
CA THR A 164 29.06 -4.69 4.37
C THR A 164 28.83 -4.42 5.86
N PHE A 165 27.99 -5.23 6.51
CA PHE A 165 27.74 -5.08 7.95
C PHE A 165 28.86 -5.59 8.89
N CYS A 166 29.92 -6.16 8.33
CA CYS A 166 31.03 -6.78 9.10
C CYS A 166 32.17 -5.78 9.46
N TYR A 167 32.68 -5.84 10.71
CA TYR A 167 33.74 -4.93 11.23
C TYR A 167 35.12 -5.58 11.32
N PRO A 168 36.11 -5.12 10.54
CA PRO A 168 35.92 -4.06 9.53
C PRO A 168 35.64 -4.65 8.15
N ASN A 169 36.01 -5.91 7.98
CA ASN A 169 35.68 -6.71 6.83
C ASN A 169 35.32 -8.09 7.35
N VAL A 170 34.85 -8.94 6.44
CA VAL A 170 34.30 -10.24 6.80
C VAL A 170 35.33 -11.17 7.43
N SER A 171 36.45 -11.39 6.73
CA SER A 171 37.47 -12.39 7.13
C SER A 171 38.09 -12.18 8.52
N GLN A 172 38.31 -10.92 8.88
CA GLN A 172 39.00 -10.58 10.12
C GLN A 172 38.10 -9.96 11.16
N SER A 173 36.86 -10.39 11.23
CA SER A 173 35.92 -9.73 12.11
C SER A 173 35.93 -10.35 13.49
N PRO A 174 36.25 -9.55 14.53
CA PRO A 174 35.96 -9.89 15.92
C PRO A 174 34.63 -10.64 16.12
N TYR A 175 33.52 -10.05 15.69
CA TYR A 175 32.18 -10.59 15.98
C TYR A 175 31.97 -11.98 15.33
N LEU A 176 32.30 -12.08 14.04
CA LEU A 176 32.14 -13.34 13.32
C LEU A 176 33.00 -14.48 13.87
N ARG A 177 34.25 -14.13 14.22
CA ARG A 177 35.17 -15.07 14.86
C ARG A 177 34.58 -15.67 16.15
N THR A 178 33.98 -14.83 16.99
CA THR A 178 33.34 -15.32 18.22
C THR A 178 32.11 -16.19 17.99
N VAL A 179 31.26 -15.83 17.04
CA VAL A 179 30.15 -16.70 16.60
C VAL A 179 30.66 -18.06 16.04
N GLY A 180 31.56 -17.99 15.07
CA GLY A 180 32.16 -19.17 14.46
C GLY A 180 32.77 -20.14 15.45
N GLU A 181 33.61 -19.63 16.35
CA GLU A 181 34.35 -20.47 17.30
C GLU A 181 33.52 -21.00 18.46
N LYS A 182 32.63 -20.18 19.01
CA LYS A 182 31.97 -20.49 20.27
C LYS A 182 30.46 -20.87 20.19
N LEU A 183 29.83 -20.63 19.04
CA LEU A 183 28.44 -21.07 18.84
C LEU A 183 28.43 -22.55 18.51
N LEU A 184 27.47 -23.24 19.12
CA LEU A 184 27.42 -24.71 19.08
C LEU A 184 27.39 -25.27 17.68
N PRO A 185 28.24 -26.29 17.41
CA PRO A 185 28.27 -27.00 16.13
C PRO A 185 26.90 -27.34 15.46
N GLY A 186 25.81 -27.38 16.23
CA GLY A 186 24.50 -27.81 15.72
C GLY A 186 23.56 -26.75 15.22
N ILE A 187 23.86 -25.49 15.55
CA ILE A 187 23.05 -24.31 15.18
C ILE A 187 23.52 -23.80 13.83
N GLU A 188 22.58 -23.34 13.00
CA GLU A 188 22.90 -22.75 11.68
C GLU A 188 22.87 -21.22 11.70
N VAL A 189 23.69 -20.64 10.83
CA VAL A 189 23.90 -19.20 10.76
C VAL A 189 23.32 -18.59 9.47
N LEU A 190 22.44 -17.60 9.65
CA LEU A 190 21.76 -16.86 8.54
C LEU A 190 22.71 -15.82 7.95
N TRP A 191 22.61 -15.60 6.66
CA TRP A 191 23.54 -14.74 5.92
C TRP A 191 22.85 -14.23 4.63
N THR A 192 22.89 -12.92 4.41
CA THR A 192 22.21 -12.33 3.23
C THR A 192 23.11 -12.03 2.04
N GLY A 193 24.42 -12.30 2.18
CA GLY A 193 25.39 -12.14 1.08
C GLY A 193 26.31 -10.92 1.24
N PRO A 194 26.88 -10.41 0.13
CA PRO A 194 27.66 -9.18 0.15
C PRO A 194 26.96 -8.02 0.81
N LYS A 195 25.68 -7.80 0.48
CA LYS A 195 24.93 -6.62 0.95
C LYS A 195 23.63 -7.11 1.57
N VAL A 196 22.87 -6.21 2.20
CA VAL A 196 21.53 -6.52 2.65
C VAL A 196 20.65 -7.11 1.50
N VAL A 197 20.66 -6.44 0.35
CA VAL A 197 19.97 -6.89 -0.81
C VAL A 197 21.03 -7.23 -1.84
N SER A 198 21.56 -8.46 -1.80
CA SER A 198 22.70 -8.81 -2.70
C SER A 198 22.31 -8.97 -4.14
N LYS A 199 22.86 -8.14 -5.03
CA LYS A 199 22.64 -8.30 -6.48
C LYS A 199 23.19 -9.65 -7.00
N GLU A 200 24.38 -10.04 -6.53
CA GLU A 200 24.91 -11.38 -6.73
C GLU A 200 25.36 -11.92 -5.41
N ILE A 201 25.41 -13.24 -5.31
CA ILE A 201 26.06 -13.91 -4.16
C ILE A 201 27.12 -14.80 -4.79
N PRO A 202 28.32 -14.23 -5.10
CA PRO A 202 29.33 -15.06 -5.80
C PRO A 202 29.92 -16.16 -4.85
N VAL A 203 30.45 -17.26 -5.43
CA VAL A 203 30.95 -18.44 -4.68
C VAL A 203 32.01 -18.11 -3.63
N GLU A 204 32.99 -17.29 -4.01
CA GLU A 204 34.12 -16.85 -3.16
C GLU A 204 33.75 -16.12 -1.90
N SER A 205 32.72 -15.29 -1.99
CA SER A 205 32.15 -14.61 -0.83
C SER A 205 31.64 -15.64 0.15
N ILE A 206 31.12 -16.77 -0.36
CA ILE A 206 30.56 -17.82 0.53
C ILE A 206 31.68 -18.66 1.16
N GLU A 207 32.74 -18.91 0.40
CA GLU A 207 33.98 -19.49 0.91
C GLU A 207 34.58 -18.57 1.95
N GLU A 208 34.56 -17.26 1.73
CA GLU A 208 35.12 -16.33 2.70
C GLU A 208 34.34 -16.32 4.02
N VAL A 209 33.02 -16.35 3.95
CA VAL A 209 32.21 -16.27 5.15
C VAL A 209 32.20 -17.59 5.93
N SER A 210 32.16 -18.72 5.21
CA SER A 210 32.13 -20.08 5.80
C SER A 210 33.38 -20.38 6.63
N LYS A 211 34.55 -19.94 6.12
CA LYS A 211 35.83 -20.04 6.83
C LYS A 211 35.80 -19.42 8.23
N ILE A 212 35.29 -18.19 8.35
CA ILE A 212 35.24 -17.51 9.66
C ILE A 212 34.08 -17.90 10.59
N ILE A 213 33.03 -18.55 10.09
CA ILE A 213 31.94 -19.02 10.99
C ILE A 213 31.98 -20.54 11.09
N LYS A 214 33.00 -21.09 10.42
CA LYS A 214 33.31 -22.53 10.29
C LYS A 214 32.14 -23.51 10.03
N ARG A 215 31.19 -23.04 9.24
CA ARG A 215 30.05 -23.82 8.73
C ARG A 215 29.50 -23.18 7.44
N ALA A 216 28.67 -23.95 6.75
CA ALA A 216 27.94 -23.44 5.59
C ALA A 216 26.73 -22.67 6.11
N PRO A 217 26.56 -21.42 5.64
CA PRO A 217 25.45 -20.60 6.07
C PRO A 217 24.08 -20.98 5.45
N VAL A 218 23.01 -20.49 6.07
CA VAL A 218 21.69 -20.42 5.46
C VAL A 218 21.42 -19.00 4.94
N ILE A 219 21.39 -18.87 3.61
CA ILE A 219 21.00 -17.62 2.93
C ILE A 219 19.57 -17.13 3.24
N TRP A 220 19.49 -15.97 3.87
CA TRP A 220 18.25 -15.22 3.99
C TRP A 220 18.33 -14.28 2.79
N ASP A 221 17.61 -14.61 1.73
CA ASP A 221 17.71 -13.83 0.49
C ASP A 221 16.71 -12.67 0.44
N ASN A 222 17.21 -11.43 0.28
CA ASN A 222 16.33 -10.25 0.10
C ASN A 222 16.16 -9.77 -1.36
N ILE A 223 16.65 -10.56 -2.32
CA ILE A 223 16.47 -10.24 -3.73
C ILE A 223 15.06 -9.71 -4.04
N HIS A 224 13.98 -10.28 -3.47
CA HIS A 224 12.60 -9.87 -3.81
C HIS A 224 11.88 -9.08 -2.73
N ALA A 225 12.60 -8.61 -1.73
CA ALA A 225 11.98 -7.93 -0.60
C ALA A 225 11.60 -6.55 -1.08
N ASN A 226 10.44 -6.03 -0.64
CA ASN A 226 10.00 -4.72 -1.16
C ASN A 226 9.53 -3.76 -0.12
N ASP A 227 9.72 -4.16 1.14
CA ASP A 227 9.34 -3.38 2.32
C ASP A 227 10.01 -2.01 2.43
N TYR A 228 11.10 -1.82 1.67
CA TYR A 228 11.94 -0.62 1.78
C TYR A 228 11.69 0.52 0.78
N ASP A 229 10.62 0.45 -0.02
CA ASP A 229 10.21 1.46 -1.03
C ASP A 229 8.72 1.32 -1.45
N GLN A 230 7.95 2.35 -1.18
CA GLN A 230 6.49 2.32 -1.40
C GLN A 230 6.11 1.96 -2.82
N LYS A 231 6.95 2.33 -3.78
CA LYS A 231 6.58 2.26 -5.18
C LYS A 231 7.15 1.05 -5.88
N ARG A 232 7.88 0.23 -5.15
CA ARG A 232 8.54 -0.95 -5.70
C ARG A 232 7.90 -2.27 -5.36
N LEU A 233 7.90 -3.13 -6.38
CA LEU A 233 7.36 -4.49 -6.41
C LEU A 233 8.31 -5.30 -7.29
N PHE A 234 8.63 -6.55 -6.92
CA PHE A 234 9.57 -7.36 -7.71
C PHE A 234 8.99 -8.67 -8.14
N LEU A 235 8.63 -8.71 -9.42
CA LEU A 235 8.08 -9.92 -10.04
C LEU A 235 9.02 -10.61 -11.03
N GLY A 236 10.30 -10.21 -11.04
CA GLY A 236 11.33 -10.90 -11.85
C GLY A 236 11.81 -12.25 -11.30
N PRO A 237 12.68 -12.96 -12.05
CA PRO A 237 13.01 -14.33 -11.61
C PRO A 237 14.14 -14.27 -10.62
N TYR A 238 14.25 -15.34 -9.81
CA TYR A 238 15.42 -15.55 -8.93
C TYR A 238 16.65 -15.46 -9.82
N LYS A 239 17.53 -14.51 -9.54
CA LYS A 239 18.68 -14.26 -10.42
C LYS A 239 19.91 -13.79 -9.63
N GLY A 240 21.11 -14.16 -10.10
CA GLY A 240 22.40 -13.72 -9.48
C GLY A 240 23.06 -14.65 -8.47
N ARG A 241 22.56 -15.88 -8.42
CA ARG A 241 23.00 -16.91 -7.49
C ARG A 241 23.24 -18.14 -8.33
N SER A 242 24.49 -18.56 -8.34
CA SER A 242 24.94 -19.67 -9.18
C SER A 242 24.46 -20.97 -8.58
N THR A 243 24.04 -21.93 -9.38
CA THR A 243 23.54 -23.19 -8.75
C THR A 243 24.67 -23.94 -8.05
N GLU A 244 25.91 -23.52 -8.29
CA GLU A 244 27.02 -24.09 -7.55
C GLU A 244 27.20 -23.55 -6.14
N LEU A 245 26.38 -22.57 -5.78
CA LEU A 245 26.17 -22.21 -4.37
C LEU A 245 25.56 -23.32 -3.53
N ILE A 246 24.78 -24.22 -4.14
CA ILE A 246 24.06 -25.25 -3.39
C ILE A 246 24.93 -26.20 -2.55
N PRO A 247 25.91 -26.92 -3.15
CA PRO A 247 26.96 -27.64 -2.35
C PRO A 247 27.57 -26.86 -1.17
N ARG A 248 27.82 -25.56 -1.39
CA ARG A 248 28.41 -24.65 -0.38
C ARG A 248 27.44 -24.01 0.65
N LEU A 249 26.20 -24.50 0.77
CA LEU A 249 25.18 -23.80 1.58
C LEU A 249 24.27 -24.77 2.29
N LYS A 250 23.71 -24.36 3.42
CA LYS A 250 22.74 -25.23 4.11
C LYS A 250 21.30 -24.95 3.60
N GLY A 251 21.08 -23.75 3.07
CA GLY A 251 19.80 -23.37 2.52
C GLY A 251 19.74 -22.00 1.87
N VAL A 252 18.66 -21.80 1.09
CA VAL A 252 18.16 -20.49 0.75
C VAL A 252 16.71 -20.35 1.24
N LEU A 253 16.46 -19.31 2.04
CA LEU A 253 15.14 -18.90 2.47
C LEU A 253 14.91 -17.50 1.88
N THR A 254 13.93 -17.35 0.99
CA THR A 254 13.63 -16.08 0.33
C THR A 254 12.67 -15.21 1.13
N ASN A 255 13.04 -13.95 1.31
CA ASN A 255 12.23 -12.95 2.04
C ASN A 255 11.59 -12.08 0.98
N PRO A 256 10.32 -12.34 0.64
CA PRO A 256 9.75 -11.88 -0.65
C PRO A 256 8.85 -10.63 -0.47
N ASN A 257 8.11 -10.20 -1.51
CA ASN A 257 7.30 -8.97 -1.41
C ASN A 257 6.28 -9.01 -0.28
N CYS A 258 5.89 -7.87 0.29
CA CYS A 258 4.87 -7.86 1.35
C CYS A 258 3.49 -8.30 0.89
N GLU A 259 3.13 -7.97 -0.34
CA GLU A 259 1.83 -8.30 -0.89
C GLU A 259 1.93 -9.75 -1.21
N PHE A 260 1.16 -10.55 -0.50
CA PHE A 260 1.25 -12.00 -0.63
C PHE A 260 1.19 -12.48 -2.08
N GLU A 261 0.11 -12.15 -2.77
CA GLU A 261 -0.11 -12.62 -4.13
C GLU A 261 0.96 -12.25 -5.15
N ALA A 262 1.77 -11.21 -4.87
CA ALA A 262 2.83 -10.80 -5.81
C ALA A 262 4.03 -11.74 -5.81
N ASN A 263 4.03 -12.73 -4.91
CA ASN A 263 5.16 -13.65 -4.76
C ASN A 263 5.15 -14.92 -5.59
N TYR A 264 4.30 -14.93 -6.61
CA TYR A 264 4.17 -16.13 -7.37
C TYR A 264 5.45 -16.42 -8.18
N VAL A 265 5.93 -15.46 -8.97
CA VAL A 265 7.21 -15.63 -9.73
C VAL A 265 8.39 -15.90 -8.80
N ALA A 266 8.48 -15.09 -7.73
CA ALA A 266 9.60 -15.11 -6.81
C ALA A 266 9.80 -16.47 -6.13
N ILE A 267 8.72 -17.16 -5.79
CA ILE A 267 8.76 -18.46 -5.15
C ILE A 267 8.83 -19.59 -6.17
N HIS A 268 8.07 -19.48 -7.27
CA HIS A 268 8.07 -20.52 -8.29
C HIS A 268 9.50 -20.68 -8.82
N THR A 269 10.13 -19.57 -9.18
CA THR A 269 11.43 -19.62 -9.79
C THR A 269 12.58 -20.02 -8.85
N LEU A 270 12.52 -19.59 -7.57
CA LEU A 270 13.42 -20.13 -6.55
C LEU A 270 13.35 -21.67 -6.52
N ALA A 271 12.15 -22.22 -6.56
CA ALA A 271 11.95 -23.68 -6.64
C ALA A 271 12.66 -24.26 -7.89
N THR A 272 12.43 -23.58 -9.02
CA THR A 272 12.98 -24.00 -10.27
C THR A 272 14.48 -24.01 -10.18
N TRP A 273 15.05 -23.00 -9.52
CA TRP A 273 16.50 -22.91 -9.31
C TRP A 273 16.99 -24.04 -8.39
N TYR A 274 16.31 -24.26 -7.28
CA TYR A 274 16.58 -25.40 -6.42
C TYR A 274 16.66 -26.76 -7.13
N LYS A 275 16.12 -26.91 -8.34
CA LYS A 275 16.28 -28.19 -9.13
C LYS A 275 17.04 -28.17 -10.53
N TYR A 316 20.32 -23.82 -14.82
CA TYR A 316 19.37 -22.70 -14.51
C TYR A 316 19.54 -21.42 -15.31
N SER A 317 18.44 -20.96 -15.90
CA SER A 317 18.38 -19.77 -16.76
C SER A 317 17.26 -18.90 -16.23
N PRO A 318 17.60 -17.69 -15.73
CA PRO A 318 16.50 -16.89 -15.18
C PRO A 318 15.38 -16.63 -16.19
N GLN A 319 15.71 -16.40 -17.46
CA GLN A 319 14.73 -16.07 -18.51
C GLN A 319 13.79 -17.20 -18.75
N MET A 320 14.30 -18.43 -18.86
CA MET A 320 13.43 -19.61 -18.97
C MET A 320 12.57 -19.87 -17.74
N ALA A 321 13.09 -19.60 -16.54
CA ALA A 321 12.32 -19.86 -15.34
C ALA A 321 11.16 -18.84 -15.20
N LEU A 322 11.42 -17.58 -15.55
CA LEU A 322 10.33 -16.60 -15.69
C LEU A 322 9.22 -17.07 -16.66
N LYS A 323 9.58 -17.49 -17.88
CA LYS A 323 8.60 -18.03 -18.82
C LYS A 323 7.74 -19.16 -18.22
N LEU A 324 8.38 -20.16 -17.60
CA LEU A 324 7.69 -21.23 -16.86
C LEU A 324 6.77 -20.70 -15.77
N ALA A 325 7.29 -19.77 -14.95
CA ALA A 325 6.53 -19.22 -13.85
C ALA A 325 5.30 -18.37 -14.31
N LEU A 326 5.53 -17.38 -15.20
CA LEU A 326 4.40 -16.62 -15.83
C LEU A 326 3.35 -17.47 -16.52
N THR A 327 3.74 -18.54 -17.22
CA THR A 327 2.82 -19.43 -17.91
C THR A 327 1.87 -20.13 -16.95
N GLU A 328 2.39 -20.51 -15.78
CA GLU A 328 1.55 -21.21 -14.82
C GLU A 328 0.67 -20.21 -14.10
N TRP A 329 1.18 -18.99 -13.91
CA TRP A 329 0.50 -17.95 -13.15
C TRP A 329 -0.79 -17.56 -13.85
N LEU A 330 -0.69 -17.40 -15.17
CA LEU A 330 -1.79 -17.03 -16.06
C LEU A 330 -3.08 -17.78 -15.78
N GLN A 331 -2.96 -19.05 -15.43
CA GLN A 331 -4.13 -19.83 -15.06
C GLN A 331 -4.89 -19.32 -13.82
N GLU A 332 -4.26 -18.51 -12.97
CA GLU A 332 -4.88 -18.05 -11.71
C GLU A 332 -5.72 -16.81 -11.91
N PHE A 333 -5.59 -16.20 -13.09
CA PHE A 333 -6.37 -15.04 -13.46
C PHE A 333 -7.48 -15.57 -14.35
N GLY A 334 -8.72 -15.53 -13.88
CA GLY A 334 -9.84 -15.87 -14.76
C GLY A 334 -10.58 -14.66 -15.30
N VAL A 335 -11.68 -14.93 -15.99
CA VAL A 335 -12.77 -13.98 -16.24
C VAL A 335 -13.79 -14.40 -15.18
N PRO A 336 -14.54 -13.45 -14.57
CA PRO A 336 -15.49 -14.01 -13.59
C PRO A 336 -16.64 -14.70 -14.31
N HIS A 337 -17.18 -15.76 -13.69
CA HIS A 337 -18.41 -16.42 -14.16
C HIS A 337 -19.57 -15.39 -14.35
N GLN A 338 -20.30 -15.54 -15.44
CA GLN A 338 -21.32 -14.59 -15.86
C GLN A 338 -22.56 -15.31 -16.36
N TYR A 339 -23.71 -14.93 -15.79
CA TYR A 339 -25.00 -15.52 -16.16
C TYR A 339 -25.84 -14.53 -16.95
N SER A 340 -25.16 -13.60 -17.62
CA SER A 340 -25.74 -12.70 -18.63
C SER A 340 -24.83 -12.58 -19.85
N VAL A 353 -6.88 -11.25 -19.78
CA VAL A 353 -5.48 -11.09 -19.35
C VAL A 353 -4.66 -12.18 -19.96
N THR A 354 -3.69 -11.77 -20.75
CA THR A 354 -2.92 -12.67 -21.58
C THR A 354 -1.49 -12.82 -21.05
N LEU A 355 -0.80 -13.87 -21.52
CA LEU A 355 0.61 -14.06 -21.26
C LEU A 355 1.44 -12.83 -21.58
N GLU A 356 1.13 -12.16 -22.67
CA GLU A 356 1.91 -10.96 -23.06
C GLU A 356 1.69 -9.85 -22.02
N ASP A 357 0.51 -9.84 -21.40
CA ASP A 357 0.21 -8.86 -20.36
C ASP A 357 1.04 -9.11 -19.13
N LEU A 358 1.12 -10.38 -18.69
CA LEU A 358 1.93 -10.73 -17.53
C LEU A 358 3.40 -10.33 -17.76
N GLN A 359 3.93 -10.62 -18.95
CA GLN A 359 5.31 -10.31 -19.27
C GLN A 359 5.58 -8.84 -19.19
N LEU A 360 4.62 -8.04 -19.63
CA LEU A 360 4.74 -6.59 -19.53
C LEU A 360 4.72 -6.14 -18.06
N LEU A 361 3.90 -6.81 -17.23
CA LEU A 361 3.86 -6.49 -15.80
C LEU A 361 5.24 -6.76 -15.14
N ALA A 362 5.76 -7.96 -15.38
CA ALA A 362 7.00 -8.40 -14.76
C ALA A 362 8.09 -7.44 -15.19
N ASP A 363 8.16 -7.14 -16.50
CA ASP A 363 9.22 -6.27 -17.04
C ASP A 363 9.19 -4.86 -16.42
N LEU A 364 7.99 -4.40 -16.06
CA LEU A 364 7.79 -3.09 -15.46
C LEU A 364 8.15 -3.13 -13.95
N PHE A 365 7.89 -4.25 -13.29
CA PHE A 365 8.26 -4.41 -11.88
C PHE A 365 9.13 -5.66 -11.77
N TYR A 366 10.44 -5.49 -11.89
CA TYR A 366 11.26 -6.65 -12.20
C TYR A 366 12.19 -7.11 -11.06
N LEU A 367 13.39 -6.52 -10.96
CA LEU A 367 14.31 -6.84 -9.88
C LEU A 367 14.91 -5.53 -9.38
N PRO A 368 15.50 -5.55 -8.16
CA PRO A 368 15.91 -4.35 -7.50
C PRO A 368 17.06 -3.65 -8.16
N TYR A 369 17.81 -4.33 -9.02
CA TYR A 369 18.94 -3.68 -9.74
C TYR A 369 18.73 -3.62 -11.24
N GLU A 370 17.61 -4.15 -11.71
CA GLU A 370 17.44 -4.25 -13.16
C GLU A 370 15.96 -4.23 -13.57
N HIS A 371 15.66 -3.44 -14.60
CA HIS A 371 14.34 -3.50 -15.22
C HIS A 371 14.30 -4.64 -16.23
N GLY A 372 13.11 -5.19 -16.47
CA GLY A 372 12.88 -6.23 -17.50
C GLY A 372 13.06 -5.61 -18.86
N PRO A 373 13.17 -6.43 -19.91
CA PRO A 373 13.52 -5.82 -21.19
C PRO A 373 12.46 -4.81 -21.67
N LYS A 374 11.18 -5.21 -21.77
CA LYS A 374 10.10 -4.27 -22.20
C LYS A 374 10.11 -2.93 -21.45
N GLY A 375 10.36 -3.01 -20.14
CA GLY A 375 10.48 -1.82 -19.34
C GLY A 375 11.64 -0.96 -19.77
N ALA A 376 12.83 -1.56 -19.78
CA ALA A 376 14.09 -0.90 -20.19
C ALA A 376 13.97 -0.25 -21.57
N GLN A 377 13.33 -0.98 -22.49
CA GLN A 377 13.12 -0.50 -23.84
C GLN A 377 12.28 0.77 -23.89
N MET A 378 11.11 0.79 -23.25
CA MET A 378 10.30 2.01 -23.24
C MET A 378 11.07 3.18 -22.66
N LEU A 379 11.83 2.88 -21.61
CA LEU A 379 12.65 3.90 -20.99
C LEU A 379 13.73 4.42 -21.95
N ARG A 380 14.40 3.50 -22.68
CA ARG A 380 15.33 3.86 -23.79
C ARG A 380 14.66 4.80 -24.81
N GLU A 381 13.56 4.34 -25.45
CA GLU A 381 12.80 5.07 -26.47
C GLU A 381 12.33 6.45 -26.03
N PHE A 382 11.76 6.54 -24.84
CA PHE A 382 11.39 7.85 -24.31
C PHE A 382 12.60 8.80 -24.18
N GLN A 383 13.78 8.26 -23.85
CA GLN A 383 14.96 9.11 -23.66
C GLN A 383 15.43 9.65 -24.99
N TRP A 384 15.36 8.80 -26.02
CA TRP A 384 15.73 9.19 -27.35
C TRP A 384 14.80 10.27 -27.92
N LEU A 385 13.48 10.08 -27.77
CA LEU A 385 12.48 11.10 -28.15
C LEU A 385 12.67 12.46 -27.43
N ARG A 386 12.71 12.42 -26.10
CA ARG A 386 12.98 13.60 -25.28
C ARG A 386 14.25 14.39 -25.71
N ALA A 387 15.29 13.65 -26.11
CA ALA A 387 16.56 14.25 -26.57
C ALA A 387 16.37 14.97 -27.91
N ASN A 388 15.73 14.30 -28.86
CA ASN A 388 15.50 14.86 -30.19
C ASN A 388 14.15 15.52 -30.37
N SER A 389 13.63 16.18 -29.33
CA SER A 389 12.41 16.99 -29.53
C SER A 389 12.69 18.25 -30.36
N SER A 390 13.97 18.65 -30.42
CA SER A 390 14.49 19.76 -31.26
C SER A 390 14.19 19.54 -32.75
N VAL A 391 14.15 18.28 -33.16
CA VAL A 391 13.98 17.84 -34.53
C VAL A 391 12.50 17.97 -34.97
N VAL A 392 11.70 18.79 -34.28
CA VAL A 392 10.35 19.22 -34.76
C VAL A 392 10.07 20.70 -34.48
N ILE A 404 16.54 12.81 -39.63
CA ILE A 404 15.26 13.14 -40.25
C ILE A 404 14.12 12.79 -39.27
N GLU A 405 12.90 12.60 -39.78
CA GLU A 405 11.76 12.28 -38.93
C GLU A 405 11.40 10.79 -39.01
N GLU A 406 12.44 10.01 -38.72
CA GLU A 406 12.32 8.68 -38.16
C GLU A 406 11.61 8.77 -36.79
N TRP A 407 11.79 9.92 -36.13
CA TRP A 407 11.10 10.32 -34.89
C TRP A 407 9.59 10.09 -34.82
N ARG A 408 8.87 10.48 -35.88
CA ARG A 408 7.42 10.32 -35.96
C ARG A 408 7.12 8.84 -36.02
N SER A 409 7.96 8.13 -36.76
CA SER A 409 7.82 6.70 -36.88
C SER A 409 8.03 6.00 -35.52
N ARG A 410 8.93 6.56 -34.70
CA ARG A 410 9.28 5.99 -33.38
C ARG A 410 8.37 6.44 -32.25
N ALA A 411 7.90 7.68 -32.32
CA ALA A 411 6.90 8.16 -31.39
C ALA A 411 5.61 7.35 -31.50
N ALA A 412 5.32 6.88 -32.69
CA ALA A 412 4.15 6.07 -32.94
C ALA A 412 4.25 4.73 -32.21
N LYS A 413 5.36 4.01 -32.37
CA LYS A 413 5.53 2.70 -31.76
C LYS A 413 5.65 2.82 -30.23
N PHE A 414 6.17 3.96 -29.77
CA PHE A 414 6.14 4.27 -28.32
C PHE A 414 4.72 4.45 -27.73
N GLU A 415 3.89 5.21 -28.45
CA GLU A 415 2.50 5.43 -28.06
C GLU A 415 1.69 4.15 -28.05
N GLU A 416 2.04 3.18 -28.92
CA GLU A 416 1.41 1.87 -28.87
C GLU A 416 1.89 1.05 -27.69
N MET A 417 3.19 1.17 -27.39
CA MET A 417 3.76 0.60 -26.16
C MET A 417 3.04 1.12 -24.90
N CYS A 418 2.94 2.43 -24.76
CA CYS A 418 2.08 3.04 -23.75
C CYS A 418 0.65 2.48 -23.74
N GLY A 419 0.05 2.41 -24.93
CA GLY A 419 -1.24 1.75 -25.12
C GLY A 419 -1.33 0.41 -24.42
N LEU A 420 -0.32 -0.43 -24.59
CA LEU A 420 -0.28 -1.76 -24.01
C LEU A 420 -0.22 -1.75 -22.46
N VAL A 421 0.35 -0.68 -21.89
CA VAL A 421 0.35 -0.60 -20.44
C VAL A 421 -1.08 -0.40 -19.95
N MET A 422 -1.83 0.52 -20.58
CA MET A 422 -3.26 0.76 -20.24
C MET A 422 -4.08 -0.49 -20.38
N GLY A 423 -3.87 -1.19 -21.49
CA GLY A 423 -4.57 -2.43 -21.80
C GLY A 423 -4.36 -3.49 -20.75
N MET A 424 -3.10 -3.59 -20.29
CA MET A 424 -2.70 -4.48 -19.22
C MET A 424 -3.53 -4.22 -17.96
N PHE A 425 -3.66 -2.95 -17.60
CA PHE A 425 -4.41 -2.58 -16.41
C PHE A 425 -5.93 -2.85 -16.51
N THR A 426 -6.53 -2.52 -17.65
CA THR A 426 -7.95 -2.69 -17.89
C THR A 426 -8.29 -4.17 -17.70
N ARG A 427 -7.53 -5.04 -18.35
CA ARG A 427 -7.81 -6.46 -18.33
C ARG A 427 -7.58 -7.03 -16.92
N LEU A 428 -6.52 -6.60 -16.28
CA LEU A 428 -6.21 -7.06 -14.94
C LEU A 428 -7.31 -6.69 -13.97
N SER A 429 -7.94 -5.54 -14.22
CA SER A 429 -9.05 -5.11 -13.38
C SER A 429 -10.39 -5.85 -13.59
N ASN A 430 -10.63 -6.40 -14.78
CA ASN A 430 -11.72 -7.40 -15.00
C ASN A 430 -11.53 -8.79 -14.45
N CYS A 431 -10.33 -9.19 -14.04
CA CYS A 431 -10.14 -10.62 -13.78
C CYS A 431 -10.87 -11.10 -12.53
N ALA A 432 -11.23 -12.38 -12.51
CA ALA A 432 -11.96 -12.95 -11.36
C ALA A 432 -11.19 -13.03 -10.04
N ASN A 433 -9.87 -13.18 -10.10
CA ASN A 433 -9.10 -13.34 -8.86
C ASN A 433 -8.80 -12.00 -8.20
N ARG A 434 -9.75 -11.53 -7.38
CA ARG A 434 -9.67 -10.21 -6.75
C ARG A 434 -8.59 -10.13 -5.67
N THR A 435 -8.26 -11.23 -4.98
CA THR A 435 -7.09 -11.23 -4.05
C THR A 435 -5.82 -10.71 -4.76
N ILE A 436 -5.56 -11.21 -5.97
CA ILE A 436 -4.41 -10.83 -6.79
C ILE A 436 -4.54 -9.40 -7.26
N LEU A 437 -5.72 -9.04 -7.77
CA LEU A 437 -5.92 -7.64 -8.18
C LEU A 437 -5.67 -6.65 -7.05
N TYR A 438 -6.20 -6.94 -5.86
CA TYR A 438 -6.14 -5.98 -4.77
C TYR A 438 -4.72 -5.77 -4.34
N ASP A 439 -3.95 -6.87 -4.25
CA ASP A 439 -2.52 -6.85 -3.86
C ASP A 439 -1.66 -6.04 -4.79
N MET A 440 -2.00 -6.00 -6.08
CA MET A 440 -1.18 -5.28 -7.03
C MET A 440 -1.72 -3.94 -7.49
N TYR A 441 -2.87 -3.56 -6.95
CA TYR A 441 -3.65 -2.46 -7.52
C TYR A 441 -2.81 -1.20 -7.57
N SER A 442 -2.30 -0.78 -6.41
CA SER A 442 -1.80 0.55 -6.41
C SER A 442 -0.49 0.64 -7.23
N TYR A 443 0.19 -0.50 -7.41
CA TYR A 443 1.37 -0.54 -8.29
C TYR A 443 0.98 -0.42 -9.74
N VAL A 444 0.01 -1.22 -10.18
CA VAL A 444 -0.37 -1.16 -11.61
C VAL A 444 -0.99 0.17 -11.95
N TRP A 445 -1.78 0.71 -11.03
CA TRP A 445 -2.34 2.05 -11.20
C TRP A 445 -1.28 3.12 -11.40
N ASP A 446 -0.21 3.03 -10.65
CA ASP A 446 0.81 4.06 -10.69
C ASP A 446 1.50 4.09 -12.05
N ILE A 447 2.04 2.94 -12.50
CA ILE A 447 2.63 2.82 -13.83
C ILE A 447 1.70 3.27 -14.99
N LYS A 448 0.42 2.91 -14.92
CA LYS A 448 -0.64 3.31 -15.82
C LYS A 448 -0.82 4.85 -15.89
N SER A 449 -0.93 5.53 -14.74
CA SER A 449 -1.03 7.01 -14.69
C SER A 449 0.18 7.73 -15.28
N ILE A 450 1.37 7.22 -15.00
CA ILE A 450 2.60 7.84 -15.49
C ILE A 450 2.70 7.62 -16.99
N MET A 451 2.49 6.39 -17.47
CA MET A 451 2.59 6.16 -18.92
C MET A 451 1.59 7.02 -19.68
N SER A 452 0.44 7.30 -19.06
CA SER A 452 -0.56 8.17 -19.67
C SER A 452 -0.03 9.57 -19.86
N MET A 453 0.61 10.10 -18.82
CA MET A 453 1.19 11.42 -18.86
C MET A 453 2.44 11.42 -19.79
N VAL A 454 3.19 10.33 -19.79
CA VAL A 454 4.33 10.20 -20.70
C VAL A 454 3.82 10.18 -22.12
N LYS A 455 2.77 9.43 -22.41
CA LYS A 455 2.16 9.37 -23.76
C LYS A 455 1.80 10.76 -24.24
N SER A 456 1.11 11.53 -23.38
CA SER A 456 0.67 12.81 -23.88
C SER A 456 1.77 13.85 -23.90
N PHE A 457 2.73 13.80 -22.97
CA PHE A 457 3.89 14.69 -23.06
C PHE A 457 4.73 14.39 -24.29
N VAL A 458 4.82 13.12 -24.66
CA VAL A 458 5.47 12.73 -25.94
C VAL A 458 4.73 13.38 -27.09
N GLN A 459 3.42 13.49 -26.99
CA GLN A 459 2.65 14.16 -28.04
C GLN A 459 2.75 15.68 -28.04
N TRP A 460 3.19 16.31 -26.94
CA TRP A 460 3.41 17.77 -26.85
C TRP A 460 4.65 18.17 -27.64
N LEU A 461 5.02 17.34 -28.62
CA LEU A 461 6.20 17.52 -29.44
C LEU A 461 5.98 17.03 -30.89
N TRP A 479 -0.09 17.21 -9.60
CA TRP A 479 1.27 16.80 -9.91
C TRP A 479 2.38 17.73 -9.35
N ALA A 480 1.98 18.92 -8.89
CA ALA A 480 2.86 19.82 -8.11
C ALA A 480 3.06 19.31 -6.67
N PHE A 481 2.00 18.73 -6.11
CA PHE A 481 2.06 18.06 -4.81
C PHE A 481 2.21 16.53 -4.95
N ARG A 482 2.58 16.06 -6.16
CA ARG A 482 2.91 14.62 -6.44
C ARG A 482 3.90 14.05 -5.42
N GLY A 483 3.66 12.81 -4.98
CA GLY A 483 4.41 12.19 -3.88
C GLY A 483 4.19 12.81 -2.50
N GLY A 484 3.33 13.82 -2.39
CA GLY A 484 3.17 14.57 -1.15
C GLY A 484 4.48 15.16 -0.68
N LEU A 485 4.55 15.42 0.62
CA LEU A 485 5.77 15.96 1.27
C LEU A 485 7.05 15.19 0.97
N ALA A 486 7.04 13.88 1.20
CA ALA A 486 8.16 12.98 0.88
C ALA A 486 8.72 13.27 -0.52
N GLY A 487 7.82 13.33 -1.50
CA GLY A 487 8.20 13.65 -2.88
C GLY A 487 8.92 14.98 -2.99
N GLU A 488 8.48 15.97 -2.19
CA GLU A 488 9.03 17.31 -2.28
C GLU A 488 10.43 17.39 -1.68
N PHE A 489 10.70 16.64 -0.62
CA PHE A 489 12.08 16.53 -0.13
C PHE A 489 12.92 15.75 -1.09
N GLN A 490 12.36 14.71 -1.67
CA GLN A 490 13.12 13.79 -2.51
C GLN A 490 13.66 14.51 -3.75
N ARG A 491 12.92 15.52 -4.23
CA ARG A 491 13.35 16.31 -5.40
C ARG A 491 14.44 17.32 -5.05
N LEU A 492 14.61 17.61 -3.77
CA LEU A 492 15.71 18.45 -3.30
C LEU A 492 17.02 17.69 -3.03
N LEU A 493 16.93 16.41 -2.65
CA LEU A 493 18.13 15.59 -2.60
C LEU A 493 18.69 15.51 -4.03
N PRO A 494 20.03 15.37 -4.17
CA PRO A 494 20.56 15.39 -5.53
C PRO A 494 20.86 14.00 -6.11
N ILE A 495 20.88 12.98 -5.25
CA ILE A 495 21.05 11.58 -5.68
C ILE A 495 19.94 11.05 -6.60
N ASP A 496 18.81 11.77 -6.61
CA ASP A 496 17.58 11.42 -7.32
C ASP A 496 17.83 11.05 -8.78
N SER B 4 19.64 -2.18 6.39
CA SER B 4 18.29 -2.67 6.80
C SER B 4 17.99 -1.96 8.07
N THR B 5 16.71 -1.60 8.24
CA THR B 5 16.24 -1.08 9.51
C THR B 5 14.78 -0.64 9.43
N HIS C 1 -34.67 15.89 5.79
CA HIS C 1 -33.75 14.82 6.23
C HIS C 1 -32.38 14.91 5.49
N PHE C 2 -31.50 15.77 5.98
CA PHE C 2 -30.21 16.16 5.33
C PHE C 2 -29.06 15.12 5.48
N LEU C 3 -28.51 14.72 4.33
CA LEU C 3 -27.56 13.57 4.22
C LEU C 3 -26.09 13.88 4.51
N CYS C 4 -25.55 13.24 5.53
CA CYS C 4 -24.16 13.46 5.89
C CYS C 4 -23.42 12.20 6.36
N GLY C 5 -22.33 11.90 5.66
CA GLY C 5 -21.45 10.82 6.07
C GLY C 5 -20.42 10.45 5.03
N VAL C 6 -20.27 9.15 4.82
CA VAL C 6 -19.20 8.57 4.02
C VAL C 6 -19.76 7.95 2.74
N VAL C 7 -19.06 8.15 1.64
CA VAL C 7 -19.14 7.27 0.46
C VAL C 7 -17.84 6.46 0.37
N GLU C 8 -17.94 5.12 0.35
CA GLU C 8 -16.81 4.25 0.04
C GLU C 8 -16.90 4.11 -1.45
N GLY C 9 -16.21 5.03 -2.14
CA GLY C 9 -16.39 5.28 -3.58
C GLY C 9 -15.10 5.41 -4.38
N PHE C 10 -14.01 4.94 -3.79
CA PHE C 10 -12.67 5.00 -4.43
C PHE C 10 -12.30 3.75 -5.25
N TYR C 11 -11.31 3.91 -6.11
CA TYR C 11 -10.66 2.80 -6.79
C TYR C 11 -9.74 2.04 -5.89
N GLY C 12 -9.65 0.73 -6.06
CA GLY C 12 -8.82 -0.08 -5.17
C GLY C 12 -9.49 -1.14 -4.31
N ARG C 13 -8.68 -1.79 -3.47
CA ARG C 13 -9.15 -2.76 -2.49
C ARG C 13 -10.29 -2.12 -1.71
N PRO C 14 -11.51 -2.70 -1.77
CA PRO C 14 -12.61 -2.07 -1.03
C PRO C 14 -12.54 -2.48 0.43
N TRP C 15 -13.43 -1.95 1.27
CA TRP C 15 -13.36 -2.33 2.70
C TRP C 15 -14.11 -3.64 2.89
N VAL C 16 -13.81 -4.33 3.96
CA VAL C 16 -14.46 -5.60 4.26
C VAL C 16 -15.56 -5.33 5.27
N MET C 17 -16.50 -6.27 5.40
CA MET C 17 -17.72 -6.10 6.21
C MET C 17 -17.42 -5.65 7.64
N GLU C 18 -16.44 -6.26 8.26
CA GLU C 18 -15.98 -5.90 9.59
C GLU C 18 -15.52 -4.44 9.72
N GLN C 19 -14.99 -3.86 8.65
CA GLN C 19 -14.52 -2.47 8.67
C GLN C 19 -15.71 -1.56 8.56
N ARG C 20 -16.71 -1.99 7.80
CA ARG C 20 -17.91 -1.21 7.61
C ARG C 20 -18.87 -1.21 8.82
N LYS C 21 -18.80 -2.24 9.68
CA LYS C 21 -19.50 -2.26 10.98
C LYS C 21 -18.90 -1.16 11.87
N GLU C 22 -17.60 -1.24 12.09
CA GLU C 22 -16.85 -0.27 12.86
C GLU C 22 -17.05 1.11 12.29
N LEU C 23 -17.27 1.21 10.97
CA LEU C 23 -17.61 2.49 10.36
C LEU C 23 -18.97 3.03 10.82
N PHE C 24 -19.97 2.14 10.89
CA PHE C 24 -21.31 2.53 11.25
C PHE C 24 -21.29 3.01 12.72
N ARG C 25 -20.78 2.16 13.60
CA ARG C 25 -20.55 2.50 15.01
C ARG C 25 -19.88 3.87 15.20
N ARG C 26 -18.94 4.22 14.32
CA ARG C 26 -18.29 5.55 14.36
C ARG C 26 -19.18 6.69 13.84
N LEU C 27 -19.92 6.44 12.76
CA LEU C 27 -20.81 7.47 12.22
C LEU C 27 -21.84 7.90 13.28
N GLN C 28 -22.32 6.92 14.05
CA GLN C 28 -23.28 7.13 15.14
C GLN C 28 -22.72 7.84 16.37
N LYS C 29 -21.56 7.40 16.87
CA LYS C 29 -20.85 8.11 17.96
C LYS C 29 -20.79 9.60 17.68
N TRP C 30 -20.70 9.97 16.40
CA TRP C 30 -20.48 11.35 15.96
C TRP C 30 -21.65 11.93 15.16
N GLU C 31 -22.83 11.30 15.23
CA GLU C 31 -24.11 11.84 14.65
C GLU C 31 -24.19 12.09 13.13
N LEU C 32 -23.61 11.19 12.34
CA LEU C 32 -23.84 11.28 10.91
C LEU C 32 -24.90 10.24 10.51
N ASN C 33 -25.53 10.42 9.38
CA ASN C 33 -26.69 9.63 9.07
C ASN C 33 -26.61 8.61 7.91
N THR C 34 -25.62 8.73 7.01
CA THR C 34 -25.60 8.03 5.70
C THR C 34 -24.30 7.30 5.34
N TYR C 35 -24.41 6.26 4.51
CA TYR C 35 -23.27 5.53 3.95
C TYR C 35 -23.64 5.15 2.55
N LEU C 36 -22.93 5.68 1.58
CA LEU C 36 -23.15 5.26 0.21
C LEU C 36 -22.11 4.18 -0.21
N TYR C 37 -22.60 2.99 -0.53
CA TYR C 37 -21.79 1.87 -1.01
C TYR C 37 -21.62 2.01 -2.51
N ALA C 38 -20.39 2.34 -2.92
CA ALA C 38 -20.04 2.56 -4.32
C ALA C 38 -18.54 2.34 -4.60
N PRO C 39 -17.94 1.20 -4.13
CA PRO C 39 -16.50 1.06 -4.36
C PRO C 39 -16.26 0.57 -5.78
N LYS C 40 -15.47 1.36 -6.52
CA LYS C 40 -15.23 1.16 -7.93
C LYS C 40 -14.80 -0.24 -8.37
N ASP C 41 -14.12 -0.99 -7.50
CA ASP C 41 -13.48 -2.25 -7.90
C ASP C 41 -13.99 -3.44 -7.07
N ASP C 42 -15.17 -3.27 -6.50
CA ASP C 42 -16.02 -4.40 -6.13
C ASP C 42 -16.78 -4.73 -7.41
N TYR C 43 -16.45 -5.87 -8.03
CA TYR C 43 -16.73 -6.08 -9.46
C TYR C 43 -18.21 -5.98 -9.83
N LYS C 44 -19.10 -6.37 -8.92
CA LYS C 44 -20.52 -6.37 -9.24
C LYS C 44 -21.18 -4.99 -9.17
N HIS C 45 -20.49 -4.03 -8.56
CA HIS C 45 -20.95 -2.67 -8.55
C HIS C 45 -20.78 -1.99 -9.89
N ARG C 46 -19.73 -2.35 -10.64
CA ARG C 46 -19.41 -1.61 -11.89
C ARG C 46 -19.00 -2.47 -13.04
N MET C 47 -17.94 -3.25 -12.87
CA MET C 47 -17.39 -3.98 -13.98
C MET C 47 -18.32 -5.05 -14.48
N PHE C 48 -19.04 -5.70 -13.56
CA PHE C 48 -20.02 -6.73 -13.93
C PHE C 48 -21.31 -6.43 -13.23
N TRP C 49 -21.84 -5.25 -13.58
CA TRP C 49 -23.05 -4.71 -12.97
C TRP C 49 -24.33 -5.56 -13.22
N ARG C 50 -24.44 -6.14 -14.42
CA ARG C 50 -25.54 -7.08 -14.71
C ARG C 50 -25.59 -8.37 -13.84
N GLU C 51 -24.50 -8.71 -13.14
CA GLU C 51 -24.44 -10.00 -12.43
C GLU C 51 -25.01 -9.88 -11.05
N MET C 52 -25.83 -10.87 -10.71
CA MET C 52 -26.43 -11.04 -9.40
C MET C 52 -25.43 -11.57 -8.37
N TYR C 53 -25.53 -11.09 -7.13
CA TYR C 53 -24.77 -11.63 -6.00
C TYR C 53 -25.01 -13.14 -5.82
N SER C 54 -23.90 -13.85 -5.60
CA SER C 54 -23.96 -15.26 -5.28
C SER C 54 -24.63 -15.42 -3.92
N VAL C 55 -24.87 -16.68 -3.56
CA VAL C 55 -25.46 -17.00 -2.28
C VAL C 55 -24.67 -16.43 -1.12
N GLU C 56 -23.36 -16.67 -1.04
CA GLU C 56 -22.65 -16.21 0.16
C GLU C 56 -22.41 -14.71 0.13
N GLU C 57 -22.29 -14.15 -1.08
CA GLU C 57 -22.23 -12.70 -1.25
C GLU C 57 -23.49 -12.04 -0.68
N ALA C 58 -24.66 -12.54 -1.09
CA ALA C 58 -25.96 -12.14 -0.50
C ALA C 58 -26.00 -12.16 1.05
N GLU C 59 -25.58 -13.27 1.65
CA GLU C 59 -25.52 -13.40 3.10
C GLU C 59 -24.72 -12.22 3.68
N GLN C 60 -23.62 -11.85 3.01
CA GLN C 60 -22.78 -10.76 3.47
C GLN C 60 -23.53 -9.42 3.42
N LEU C 61 -24.13 -9.11 2.26
CA LEU C 61 -24.81 -7.83 2.04
C LEU C 61 -25.93 -7.59 3.03
N MET C 62 -26.75 -8.63 3.23
CA MET C 62 -27.83 -8.63 4.21
C MET C 62 -27.31 -8.40 5.63
N THR C 63 -26.31 -9.17 6.06
CA THR C 63 -25.73 -8.92 7.37
C THR C 63 -25.16 -7.48 7.45
N LEU C 64 -24.80 -6.90 6.30
CA LEU C 64 -24.31 -5.53 6.26
C LEU C 64 -25.45 -4.52 6.45
N ILE C 65 -26.43 -4.59 5.55
CA ILE C 65 -27.65 -3.81 5.66
C ILE C 65 -28.32 -3.88 7.06
N SER C 66 -28.25 -5.04 7.71
CA SER C 66 -28.68 -5.24 9.11
C SER C 66 -28.02 -4.27 10.05
N ALA C 67 -26.71 -4.49 10.29
CA ALA C 67 -25.91 -3.62 11.17
C ALA C 67 -26.04 -2.10 10.85
N ALA C 68 -26.34 -1.75 9.59
CA ALA C 68 -26.75 -0.39 9.24
C ALA C 68 -27.99 0.10 10.03
N ARG C 69 -29.09 -0.67 9.99
CA ARG C 69 -30.31 -0.42 10.80
C ARG C 69 -30.02 -0.47 12.31
N GLU C 70 -29.41 -1.56 12.75
CA GLU C 70 -28.90 -1.72 14.12
C GLU C 70 -28.17 -0.48 14.67
N TYR C 71 -27.56 0.33 13.78
CA TYR C 71 -26.90 1.59 14.15
C TYR C 71 -27.64 2.83 13.61
N GLU C 72 -28.79 2.59 13.00
CA GLU C 72 -29.55 3.63 12.29
C GLU C 72 -28.72 4.61 11.43
N ILE C 73 -27.76 4.03 10.69
CA ILE C 73 -27.13 4.65 9.53
C ILE C 73 -27.99 4.27 8.31
N GLU C 74 -28.31 5.24 7.49
CA GLU C 74 -29.00 4.98 6.24
C GLU C 74 -28.00 4.40 5.24
N PHE C 75 -28.38 3.31 4.57
CA PHE C 75 -27.49 2.61 3.64
C PHE C 75 -27.98 2.79 2.20
N ILE C 76 -27.25 3.56 1.39
CA ILE C 76 -27.60 3.73 -0.03
C ILE C 76 -26.72 2.81 -0.89
N TYR C 77 -27.33 2.07 -1.81
CA TYR C 77 -26.62 1.13 -2.63
C TYR C 77 -26.46 1.73 -4.01
N ALA C 78 -25.21 1.89 -4.44
CA ALA C 78 -24.95 2.40 -5.80
C ALA C 78 -24.71 1.30 -6.85
N ILE C 79 -24.98 1.64 -8.10
CA ILE C 79 -24.68 0.77 -9.24
C ILE C 79 -24.21 1.70 -10.38
N SER C 80 -23.26 1.22 -11.19
CA SER C 80 -22.60 2.01 -12.23
C SER C 80 -22.62 1.23 -13.53
N PRO C 81 -23.67 1.43 -14.36
CA PRO C 81 -23.77 0.74 -15.65
C PRO C 81 -23.08 1.49 -16.77
N GLY C 82 -22.60 2.70 -16.47
CA GLY C 82 -22.09 3.59 -17.48
C GLY C 82 -21.20 3.01 -18.57
N LEU C 83 -20.30 2.12 -18.18
CA LEU C 83 -19.24 1.66 -19.08
C LEU C 83 -19.73 1.11 -20.41
N ASP C 84 -20.79 0.31 -20.37
CA ASP C 84 -21.18 -0.51 -21.53
C ASP C 84 -22.67 -0.82 -21.62
N ILE C 85 -23.51 -0.20 -20.79
CA ILE C 85 -24.98 -0.38 -20.89
C ILE C 85 -25.47 0.19 -22.23
N THR C 86 -26.44 -0.49 -22.85
CA THR C 86 -27.18 0.07 -23.98
C THR C 86 -28.50 0.56 -23.43
N PHE C 87 -28.66 1.89 -23.40
CA PHE C 87 -29.82 2.53 -22.77
C PHE C 87 -31.16 2.22 -23.46
N SER C 88 -31.14 2.14 -24.80
CA SER C 88 -32.36 1.89 -25.59
C SER C 88 -32.88 0.46 -25.56
N ASN C 89 -31.97 -0.51 -25.41
CA ASN C 89 -32.36 -1.91 -25.41
C ASN C 89 -33.10 -2.36 -24.13
N PRO C 90 -34.35 -2.88 -24.27
CA PRO C 90 -35.16 -3.19 -23.07
C PRO C 90 -34.73 -4.37 -22.22
N LYS C 91 -33.90 -5.27 -22.78
CA LYS C 91 -33.35 -6.41 -22.00
C LYS C 91 -32.35 -5.86 -21.02
N GLU C 92 -31.50 -4.96 -21.51
CA GLU C 92 -30.58 -4.15 -20.70
C GLU C 92 -31.22 -3.43 -19.52
N VAL C 93 -32.29 -2.66 -19.81
CA VAL C 93 -33.07 -1.96 -18.77
C VAL C 93 -33.52 -2.97 -17.70
N SER C 94 -33.97 -4.14 -18.18
CA SER C 94 -34.61 -5.13 -17.35
C SER C 94 -33.67 -5.86 -16.39
N THR C 95 -32.45 -6.10 -16.88
CA THR C 95 -31.37 -6.68 -16.07
C THR C 95 -31.02 -5.74 -14.91
N LEU C 96 -31.05 -4.44 -15.20
CA LEU C 96 -30.78 -3.45 -14.15
C LEU C 96 -31.82 -3.52 -13.03
N LYS C 97 -33.09 -3.62 -13.41
CA LYS C 97 -34.16 -3.75 -12.43
C LYS C 97 -33.98 -5.03 -11.62
N ARG C 98 -33.76 -6.18 -12.32
CA ARG C 98 -33.58 -7.50 -11.69
C ARG C 98 -32.46 -7.48 -10.64
N LYS C 99 -31.38 -6.77 -10.99
CA LYS C 99 -30.26 -6.52 -10.08
C LYS C 99 -30.65 -5.61 -8.93
N LEU C 100 -31.23 -4.46 -9.25
CA LEU C 100 -31.71 -3.58 -8.19
C LEU C 100 -32.80 -4.23 -7.28
N ASP C 101 -33.65 -5.08 -7.89
CA ASP C 101 -34.61 -5.95 -7.17
C ASP C 101 -33.92 -6.84 -6.13
N GLN C 102 -32.87 -7.55 -6.56
CA GLN C 102 -32.15 -8.46 -5.66
C GLN C 102 -31.63 -7.77 -4.39
N VAL C 103 -31.18 -6.54 -4.54
CA VAL C 103 -30.60 -5.85 -3.41
C VAL C 103 -31.70 -5.24 -2.55
N SER C 104 -32.77 -4.78 -3.19
CA SER C 104 -34.02 -4.34 -2.51
C SER C 104 -34.48 -5.38 -1.46
N GLN C 105 -34.43 -6.64 -1.86
CA GLN C 105 -34.74 -7.74 -0.97
C GLN C 105 -33.65 -8.07 0.03
N PHE C 106 -32.58 -7.26 0.11
CA PHE C 106 -31.59 -7.49 1.20
C PHE C 106 -31.96 -6.63 2.42
N GLY C 107 -32.82 -5.64 2.17
CA GLY C 107 -33.26 -4.70 3.19
C GLY C 107 -33.07 -3.26 2.76
N CYS C 108 -32.81 -3.08 1.48
CA CYS C 108 -32.30 -1.81 1.01
C CYS C 108 -33.40 -0.97 0.42
N ARG C 109 -33.54 0.23 0.99
CA ARG C 109 -34.58 1.16 0.61
C ARG C 109 -34.03 2.28 -0.27
N SER C 110 -32.79 2.68 0.02
CA SER C 110 -32.10 3.77 -0.67
C SER C 110 -31.16 3.30 -1.79
N PHE C 111 -31.24 3.96 -2.94
CA PHE C 111 -30.48 3.58 -4.14
C PHE C 111 -29.73 4.75 -4.78
N ALA C 112 -28.78 4.46 -5.67
CA ALA C 112 -28.08 5.48 -6.45
C ALA C 112 -27.66 4.91 -7.79
N LEU C 113 -27.74 5.73 -8.84
CA LEU C 113 -27.16 5.44 -10.15
C LEU C 113 -26.06 6.43 -10.43
N LEU C 114 -24.83 5.91 -10.58
CA LEU C 114 -23.66 6.75 -10.88
C LEU C 114 -23.33 6.70 -12.36
N PHE C 115 -22.84 7.81 -12.91
CA PHE C 115 -22.48 7.84 -14.31
C PHE C 115 -21.22 8.63 -14.54
N ASP C 116 -20.40 8.74 -13.49
CA ASP C 116 -19.06 9.36 -13.58
C ASP C 116 -18.07 8.59 -14.44
N ASN C 117 -17.25 9.33 -15.17
CA ASN C 117 -16.11 8.72 -15.85
C ASN C 117 -16.52 7.65 -16.85
N ILE C 118 -17.35 8.05 -17.80
CA ILE C 118 -17.65 7.21 -18.96
C ILE C 118 -17.46 7.99 -20.23
N ASP C 119 -16.85 7.30 -21.19
CA ASP C 119 -16.82 7.66 -22.59
C ASP C 119 -18.14 8.39 -22.98
N HIS C 120 -18.02 9.67 -23.36
CA HIS C 120 -19.16 10.61 -23.46
C HIS C 120 -20.19 10.35 -24.59
N ASN C 121 -19.85 9.59 -25.64
CA ASN C 121 -20.80 9.28 -26.73
C ASN C 121 -21.39 7.85 -26.68
N MET C 122 -22.36 7.55 -27.56
CA MET C 122 -23.18 6.31 -27.49
C MET C 122 -22.89 5.26 -28.58
N CYS C 123 -23.64 4.16 -28.56
CA CYS C 123 -23.57 3.15 -29.62
C CYS C 123 -24.56 3.53 -30.71
N ALA C 124 -24.34 2.98 -31.92
CA ALA C 124 -25.24 3.19 -33.07
C ALA C 124 -26.73 3.00 -32.71
N ALA C 125 -27.05 1.91 -32.00
CA ALA C 125 -28.42 1.64 -31.56
C ALA C 125 -29.04 2.81 -30.78
N ASP C 126 -28.31 3.32 -29.76
CA ASP C 126 -28.79 4.37 -28.81
C ASP C 126 -29.06 5.76 -29.41
N LYS C 127 -28.22 6.15 -30.38
CA LYS C 127 -28.28 7.46 -31.05
C LYS C 127 -29.54 7.67 -31.88
N GLU C 128 -30.31 6.60 -32.10
CA GLU C 128 -31.63 6.69 -32.76
C GLU C 128 -32.71 7.09 -31.74
N VAL C 129 -33.04 6.17 -30.83
CA VAL C 129 -34.12 6.34 -29.81
C VAL C 129 -33.96 7.63 -28.97
N PHE C 130 -32.72 8.10 -28.83
CA PHE C 130 -32.37 9.20 -27.93
C PHE C 130 -31.68 10.35 -28.63
N SER C 131 -32.12 11.57 -28.29
CA SER C 131 -31.61 12.82 -28.87
C SER C 131 -30.14 13.07 -28.51
N SER C 132 -29.89 13.09 -27.19
CA SER C 132 -28.56 13.30 -26.63
C SER C 132 -28.22 12.24 -25.57
N PHE C 133 -26.94 12.25 -25.16
CA PHE C 133 -26.41 11.37 -24.12
C PHE C 133 -27.15 11.58 -22.81
N ALA C 134 -27.36 12.86 -22.46
CA ALA C 134 -28.04 13.22 -21.22
C ALA C 134 -29.50 12.77 -21.18
N HIS C 135 -30.10 12.65 -22.37
CA HIS C 135 -31.47 12.13 -22.50
C HIS C 135 -31.57 10.69 -22.01
N ALA C 136 -30.64 9.89 -22.54
CA ALA C 136 -30.60 8.47 -22.25
C ALA C 136 -30.50 8.15 -20.74
N GLN C 137 -29.56 8.80 -20.06
CA GLN C 137 -29.35 8.58 -18.65
C GLN C 137 -30.56 8.95 -17.83
N VAL C 138 -31.16 10.11 -18.12
CA VAL C 138 -32.31 10.57 -17.34
C VAL C 138 -33.51 9.65 -17.56
N SER C 139 -33.69 9.18 -18.80
CA SER C 139 -34.78 8.25 -19.12
C SER C 139 -34.71 7.01 -18.24
N ILE C 140 -33.53 6.41 -18.16
CA ILE C 140 -33.32 5.19 -17.39
C ILE C 140 -33.38 5.49 -15.90
N THR C 141 -32.75 6.60 -15.49
CA THR C 141 -32.74 6.96 -14.06
C THR C 141 -34.16 7.14 -13.53
N ASN C 142 -35.00 7.86 -14.32
CA ASN C 142 -36.43 8.08 -14.04
C ASN C 142 -37.21 6.76 -13.98
N GLU C 143 -37.19 6.03 -15.10
CA GLU C 143 -37.75 4.66 -15.22
C GLU C 143 -37.47 3.81 -14.01
N ILE C 144 -36.20 3.74 -13.64
CA ILE C 144 -35.77 3.01 -12.47
C ILE C 144 -36.45 3.65 -11.25
N TYR C 145 -36.30 4.98 -11.07
CA TYR C 145 -36.90 5.66 -9.90
C TYR C 145 -38.33 5.20 -9.61
N GLN C 146 -39.17 5.18 -10.66
CA GLN C 146 -40.54 4.65 -10.67
C GLN C 146 -40.59 3.24 -10.07
N TYR C 147 -39.95 2.31 -10.80
CA TYR C 147 -39.97 0.87 -10.55
C TYR C 147 -39.82 0.50 -9.08
N LEU C 148 -38.87 1.13 -8.41
CA LEU C 148 -38.58 0.82 -7.01
C LEU C 148 -39.62 1.36 -6.02
N GLY C 149 -40.73 1.87 -6.56
CA GLY C 149 -41.77 2.53 -5.77
C GLY C 149 -41.29 3.87 -5.26
N GLU C 150 -40.58 4.61 -6.15
CA GLU C 150 -40.04 5.96 -5.91
C GLU C 150 -39.40 6.19 -4.53
N PRO C 151 -38.28 5.50 -4.24
CA PRO C 151 -37.76 5.43 -2.86
C PRO C 151 -37.42 6.80 -2.19
N GLU C 152 -37.32 6.76 -0.86
CA GLU C 152 -37.07 7.93 -0.01
C GLU C 152 -35.86 8.80 -0.42
N THR C 153 -34.65 8.23 -0.40
CA THR C 153 -33.45 8.87 -0.99
C THR C 153 -33.00 8.10 -2.22
N PHE C 154 -32.52 8.83 -3.22
CA PHE C 154 -32.15 8.23 -4.48
C PHE C 154 -31.28 9.20 -5.24
N LEU C 155 -29.99 8.83 -5.43
CA LEU C 155 -29.00 9.76 -6.01
C LEU C 155 -28.68 9.46 -7.48
N PHE C 156 -28.23 10.49 -8.20
CA PHE C 156 -27.80 10.39 -9.59
C PHE C 156 -26.49 11.15 -9.75
N CYS C 157 -25.44 10.44 -10.11
CA CYS C 157 -24.17 11.10 -10.33
C CYS C 157 -23.95 11.35 -11.80
N PRO C 158 -23.91 12.62 -12.22
CA PRO C 158 -23.82 12.89 -13.67
C PRO C 158 -22.43 12.67 -14.20
N THR C 159 -22.34 12.44 -15.51
CA THR C 159 -21.05 12.41 -16.21
C THR C 159 -20.25 13.69 -15.99
N GLU C 160 -20.94 14.83 -16.07
CA GLU C 160 -20.36 16.14 -15.73
C GLU C 160 -20.68 16.39 -14.27
N TYR C 161 -19.73 16.08 -13.39
CA TYR C 161 -20.00 16.08 -11.96
C TYR C 161 -19.19 17.07 -11.12
N CYS C 162 -18.47 17.96 -11.80
CA CYS C 162 -17.70 19.05 -11.18
C CYS C 162 -17.48 20.15 -12.21
N GLY C 163 -17.16 21.35 -11.72
CA GLY C 163 -16.98 22.50 -12.61
C GLY C 163 -16.09 22.28 -13.84
N THR C 164 -14.87 21.79 -13.61
CA THR C 164 -13.92 21.50 -14.70
C THR C 164 -14.55 20.66 -15.81
N PHE C 165 -15.40 19.74 -15.39
CA PHE C 165 -15.91 18.71 -16.27
C PHE C 165 -17.07 19.16 -17.13
N CYS C 166 -17.56 20.39 -16.94
CA CYS C 166 -18.75 20.87 -17.68
C CYS C 166 -18.39 21.52 -19.03
N TYR C 167 -19.04 21.06 -20.12
CA TYR C 167 -18.76 21.54 -21.50
C TYR C 167 -19.90 22.42 -22.01
N PRO C 168 -19.63 23.70 -22.34
CA PRO C 168 -18.29 24.32 -22.24
C PRO C 168 -18.00 24.97 -20.88
N ASN C 169 -19.07 25.37 -20.19
CA ASN C 169 -18.99 25.87 -18.82
C ASN C 169 -20.17 25.29 -18.04
N VAL C 170 -20.22 25.55 -16.73
CA VAL C 170 -21.32 25.15 -15.85
C VAL C 170 -22.68 25.64 -16.41
N SER C 171 -22.78 26.95 -16.68
CA SER C 171 -24.04 27.67 -16.92
C SER C 171 -24.83 27.23 -18.16
N GLN C 172 -24.14 27.11 -19.31
CA GLN C 172 -24.81 26.87 -20.60
C GLN C 172 -24.32 25.56 -21.24
N SER C 173 -24.47 24.51 -20.45
CA SER C 173 -24.07 23.16 -20.79
C SER C 173 -25.31 22.35 -21.23
N PRO C 174 -25.35 21.89 -22.51
CA PRO C 174 -26.44 21.02 -22.97
C PRO C 174 -26.76 19.85 -22.01
N TYR C 175 -25.72 19.09 -21.61
CA TYR C 175 -25.82 17.97 -20.66
C TYR C 175 -26.44 18.43 -19.35
N LEU C 176 -25.88 19.46 -18.75
CA LEU C 176 -26.41 19.95 -17.48
C LEU C 176 -27.82 20.55 -17.57
N ARG C 177 -28.07 21.30 -18.66
CA ARG C 177 -29.38 21.87 -19.00
C ARG C 177 -30.48 20.80 -18.99
N THR C 178 -30.22 19.72 -19.72
CA THR C 178 -31.15 18.61 -19.85
C THR C 178 -31.53 17.94 -18.51
N VAL C 179 -30.55 17.84 -17.62
CA VAL C 179 -30.72 17.11 -16.36
C VAL C 179 -31.67 17.86 -15.45
N GLY C 180 -31.40 19.15 -15.25
CA GLY C 180 -32.19 19.97 -14.36
C GLY C 180 -33.66 19.94 -14.68
N GLU C 181 -33.95 20.00 -15.99
CA GLU C 181 -35.33 20.09 -16.47
C GLU C 181 -36.05 18.74 -16.55
N LYS C 182 -35.37 17.70 -17.05
CA LYS C 182 -35.98 16.35 -17.25
C LYS C 182 -35.94 15.36 -16.07
N LEU C 183 -34.89 15.45 -15.25
CA LEU C 183 -34.73 14.45 -14.19
C LEU C 183 -35.63 14.77 -12.98
N LEU C 184 -36.37 13.76 -12.53
CA LEU C 184 -37.42 13.88 -11.50
C LEU C 184 -37.02 14.62 -10.21
N PRO C 185 -37.86 15.59 -9.78
CA PRO C 185 -37.75 16.28 -8.48
C PRO C 185 -37.45 15.42 -7.23
N GLY C 186 -37.83 14.15 -7.22
CA GLY C 186 -37.48 13.27 -6.08
C GLY C 186 -36.08 12.62 -6.11
N ILE C 187 -35.38 12.78 -7.25
CA ILE C 187 -34.03 12.26 -7.50
C ILE C 187 -32.96 13.32 -7.16
N GLU C 188 -32.06 13.01 -6.23
CA GLU C 188 -30.91 13.87 -5.92
C GLU C 188 -29.76 13.82 -6.94
N VAL C 189 -28.99 14.90 -7.01
CA VAL C 189 -27.85 14.97 -7.92
C VAL C 189 -26.54 15.22 -7.16
N LEU C 190 -25.63 14.25 -7.28
CA LEU C 190 -24.29 14.32 -6.71
C LEU C 190 -23.42 15.27 -7.52
N TRP C 191 -22.59 16.03 -6.81
CA TRP C 191 -21.74 17.06 -7.43
C TRP C 191 -20.45 17.11 -6.60
N THR C 192 -19.33 17.40 -7.25
CA THR C 192 -18.05 17.22 -6.54
C THR C 192 -17.20 18.48 -6.16
N GLY C 193 -17.75 19.66 -6.47
CA GLY C 193 -17.08 20.96 -6.36
C GLY C 193 -16.73 21.59 -7.73
N PRO C 194 -15.92 22.68 -7.72
CA PRO C 194 -15.40 23.22 -9.00
C PRO C 194 -14.53 22.19 -9.73
N LYS C 195 -13.63 21.53 -8.99
CA LYS C 195 -12.76 20.44 -9.52
C LYS C 195 -13.20 19.05 -9.00
N VAL C 196 -12.60 17.96 -9.52
CA VAL C 196 -12.75 16.60 -8.96
C VAL C 196 -12.35 16.56 -7.47
N VAL C 197 -11.16 17.08 -7.17
CA VAL C 197 -10.68 17.23 -5.79
C VAL C 197 -10.62 18.73 -5.48
N SER C 198 -11.72 19.25 -4.94
CA SER C 198 -11.85 20.69 -4.74
C SER C 198 -11.06 21.19 -3.56
N LYS C 199 -10.25 22.24 -3.81
CA LYS C 199 -9.46 22.91 -2.75
C LYS C 199 -10.42 23.58 -1.80
N GLU C 200 -11.42 24.21 -2.41
CA GLU C 200 -12.45 24.98 -1.74
C GLU C 200 -13.72 24.92 -2.58
N ILE C 201 -14.86 25.00 -1.89
CA ILE C 201 -16.18 25.09 -2.53
C ILE C 201 -16.81 26.47 -2.24
N PRO C 202 -16.60 27.46 -3.16
CA PRO C 202 -17.28 28.74 -3.03
C PRO C 202 -18.79 28.62 -2.93
N VAL C 203 -19.39 29.43 -2.07
CA VAL C 203 -20.84 29.49 -1.96
C VAL C 203 -21.46 29.99 -3.28
N GLU C 204 -20.77 30.90 -3.97
CA GLU C 204 -21.17 31.34 -5.32
C GLU C 204 -21.12 30.25 -6.39
N SER C 205 -20.22 29.28 -6.26
CA SER C 205 -20.14 28.16 -7.23
C SER C 205 -21.33 27.20 -7.11
N ILE C 206 -21.76 26.92 -5.88
CA ILE C 206 -22.89 26.02 -5.59
C ILE C 206 -24.26 26.67 -5.85
N GLU C 207 -24.41 27.92 -5.42
CA GLU C 207 -25.54 28.71 -5.84
C GLU C 207 -25.60 28.68 -7.36
N GLU C 208 -24.48 28.97 -7.99
CA GLU C 208 -24.38 28.89 -9.43
C GLU C 208 -24.94 27.55 -9.89
N VAL C 209 -24.42 26.41 -9.43
CA VAL C 209 -24.88 25.05 -9.87
C VAL C 209 -26.38 24.82 -9.71
N SER C 210 -26.88 25.07 -8.49
CA SER C 210 -28.32 25.01 -8.19
C SER C 210 -29.19 25.68 -9.30
N LYS C 211 -28.58 26.62 -10.04
CA LYS C 211 -29.17 27.24 -11.25
C LYS C 211 -29.74 26.27 -12.28
N ILE C 212 -28.93 25.28 -12.64
CA ILE C 212 -29.07 24.49 -13.87
C ILE C 212 -29.55 23.09 -13.55
N ILE C 213 -29.28 22.69 -12.30
CA ILE C 213 -29.67 21.40 -11.76
C ILE C 213 -31.07 21.47 -11.14
N LYS C 214 -31.49 22.70 -10.80
CA LYS C 214 -32.80 23.00 -10.23
C LYS C 214 -32.98 22.30 -8.88
N ARG C 215 -31.88 22.03 -8.20
CA ARG C 215 -31.88 21.45 -6.86
C ARG C 215 -30.64 21.86 -6.06
N ALA C 216 -30.71 21.72 -4.73
CA ALA C 216 -29.54 21.69 -3.88
C ALA C 216 -28.91 20.31 -4.03
N PRO C 217 -27.71 20.27 -4.67
CA PRO C 217 -27.06 19.02 -5.02
C PRO C 217 -26.38 18.39 -3.80
N VAL C 218 -26.11 17.09 -3.88
CA VAL C 218 -25.37 16.36 -2.84
C VAL C 218 -23.88 16.33 -3.18
N ILE C 219 -23.05 16.76 -2.25
CA ILE C 219 -21.62 16.77 -2.50
C ILE C 219 -21.00 15.40 -2.20
N TRP C 220 -20.41 14.85 -3.25
CA TRP C 220 -19.44 13.79 -3.18
C TRP C 220 -18.11 14.49 -2.91
N ASP C 221 -17.62 14.44 -1.69
CA ASP C 221 -16.42 15.21 -1.38
C ASP C 221 -15.13 14.38 -1.42
N ASN C 222 -14.26 14.79 -2.34
CA ASN C 222 -12.98 14.15 -2.61
C ASN C 222 -11.76 14.76 -1.85
N ILE C 223 -12.05 15.57 -0.82
CA ILE C 223 -11.00 16.23 -0.08
C ILE C 223 -9.96 15.26 0.50
N HIS C 224 -10.35 14.16 1.13
CA HIS C 224 -9.37 13.20 1.71
C HIS C 224 -9.10 11.92 0.88
N ALA C 225 -9.52 11.92 -0.37
CA ALA C 225 -9.31 10.79 -1.23
C ALA C 225 -7.81 10.65 -1.50
N ASN C 226 -7.29 9.43 -1.35
CA ASN C 226 -5.90 9.13 -1.70
C ASN C 226 -5.71 8.06 -2.77
N ASP C 227 -6.78 7.62 -3.43
CA ASP C 227 -6.68 6.52 -4.42
C ASP C 227 -5.86 6.85 -5.71
N TYR C 228 -5.52 8.12 -5.91
CA TYR C 228 -4.85 8.61 -7.12
C TYR C 228 -3.31 8.89 -7.01
N ASP C 229 -2.74 8.63 -5.85
CA ASP C 229 -1.31 8.87 -5.64
C ASP C 229 -0.86 7.95 -4.53
N GLN C 230 -0.04 7.01 -4.96
CA GLN C 230 0.42 5.93 -4.13
C GLN C 230 1.09 6.51 -2.88
N LYS C 231 1.96 7.49 -3.04
CA LYS C 231 2.69 8.01 -1.88
C LYS C 231 1.82 8.83 -0.85
N ARG C 232 0.60 9.21 -1.24
CA ARG C 232 -0.17 10.24 -0.50
C ARG C 232 -1.25 9.71 0.46
N LEU C 233 -1.37 10.39 1.59
CA LEU C 233 -2.30 10.11 2.69
C LEU C 233 -2.74 11.45 3.29
N PHE C 234 -3.99 11.51 3.76
CA PHE C 234 -4.61 12.76 4.16
C PHE C 234 -5.23 12.76 5.56
N LEU C 235 -4.44 13.08 6.58
CA LEU C 235 -4.92 13.15 7.96
C LEU C 235 -5.23 14.59 8.39
N GLY C 236 -5.54 15.47 7.46
CA GLY C 236 -5.86 16.86 7.81
C GLY C 236 -7.31 17.04 8.21
N PRO C 237 -7.71 18.27 8.64
CA PRO C 237 -9.10 18.59 8.97
C PRO C 237 -9.94 18.90 7.75
N TYR C 238 -11.25 18.65 7.87
CA TYR C 238 -12.21 19.03 6.84
C TYR C 238 -12.09 20.56 6.75
N LYS C 239 -11.86 21.08 5.54
CA LYS C 239 -11.45 22.50 5.38
C LYS C 239 -11.70 22.99 3.97
N GLY C 240 -11.90 24.31 3.86
CA GLY C 240 -12.13 24.98 2.58
C GLY C 240 -13.58 24.88 2.13
N ARG C 241 -14.41 24.43 3.07
CA ARG C 241 -15.83 24.32 2.89
C ARG C 241 -16.49 25.26 3.88
N SER C 242 -17.14 26.32 3.37
CA SER C 242 -17.83 27.30 4.23
C SER C 242 -19.03 26.68 4.96
N THR C 243 -19.09 26.97 6.27
CA THR C 243 -20.17 26.58 7.20
C THR C 243 -21.55 27.02 6.65
N GLU C 244 -21.51 28.11 5.90
CA GLU C 244 -22.67 28.68 5.24
C GLU C 244 -23.29 27.79 4.15
N LEU C 245 -22.73 26.60 3.96
CA LEU C 245 -23.14 25.76 2.83
C LEU C 245 -24.28 24.83 3.21
N ILE C 246 -24.28 24.38 4.47
CA ILE C 246 -25.27 23.43 5.00
C ILE C 246 -26.72 23.76 4.58
N PRO C 247 -27.18 25.03 4.77
CA PRO C 247 -28.47 25.48 4.22
C PRO C 247 -28.69 25.17 2.75
N ARG C 248 -27.65 25.32 1.94
CA ARG C 248 -27.80 25.34 0.48
C ARG C 248 -27.62 23.98 -0.21
N LEU C 249 -27.34 22.94 0.59
CA LEU C 249 -27.02 21.59 0.09
C LEU C 249 -27.94 20.53 0.65
N LYS C 250 -28.25 19.49 -0.15
CA LYS C 250 -28.98 18.32 0.39
C LYS C 250 -28.11 17.37 1.20
N GLY C 251 -26.80 17.41 0.94
CA GLY C 251 -25.83 16.70 1.77
C GLY C 251 -24.39 16.75 1.33
N VAL C 252 -23.52 16.26 2.20
CA VAL C 252 -22.14 15.96 1.82
C VAL C 252 -21.79 14.54 2.30
N LEU C 253 -21.38 13.72 1.32
CA LEU C 253 -20.76 12.40 1.59
C LEU C 253 -19.26 12.51 1.34
N THR C 254 -18.45 12.18 2.36
CA THR C 254 -16.98 12.23 2.21
C THR C 254 -16.41 10.90 1.61
N ASN C 255 -15.72 11.00 0.45
CA ASN C 255 -14.95 9.90 -0.18
C ASN C 255 -13.52 9.90 0.37
N PRO C 256 -13.23 9.09 1.37
CA PRO C 256 -12.00 9.31 2.13
C PRO C 256 -10.79 8.39 1.73
N ASN C 257 -9.74 8.35 2.55
CA ASN C 257 -8.56 7.54 2.25
C ASN C 257 -8.93 6.08 2.14
N CYS C 258 -8.28 5.35 1.25
CA CYS C 258 -8.46 3.90 1.12
C CYS C 258 -8.14 3.14 2.42
N GLU C 259 -7.10 3.58 3.13
CA GLU C 259 -6.70 2.93 4.37
C GLU C 259 -7.73 3.31 5.43
N PHE C 260 -8.50 2.32 5.88
CA PHE C 260 -9.67 2.59 6.70
C PHE C 260 -9.36 3.35 8.03
N GLU C 261 -8.41 2.83 8.79
CA GLU C 261 -8.04 3.43 10.04
C GLU C 261 -7.45 4.87 9.93
N ALA C 262 -7.04 5.30 8.74
CA ALA C 262 -6.52 6.67 8.52
C ALA C 262 -7.61 7.74 8.52
N ASN C 263 -8.84 7.25 8.41
CA ASN C 263 -9.97 8.10 8.19
C ASN C 263 -10.63 8.71 9.44
N TYR C 264 -10.04 8.50 10.62
CA TYR C 264 -10.51 9.07 11.89
C TYR C 264 -10.72 10.60 11.78
N VAL C 265 -9.63 11.32 11.55
CA VAL C 265 -9.65 12.77 11.43
C VAL C 265 -10.61 13.19 10.30
N ALA C 266 -10.63 12.46 9.20
CA ALA C 266 -11.43 12.90 8.04
C ALA C 266 -12.92 12.93 8.32
N ILE C 267 -13.36 12.04 9.22
CA ILE C 267 -14.79 11.79 9.46
C ILE C 267 -15.23 12.59 10.67
N HIS C 268 -14.48 12.48 11.77
CA HIS C 268 -14.61 13.38 12.92
C HIS C 268 -14.79 14.85 12.53
N THR C 269 -13.84 15.41 11.77
CA THR C 269 -13.85 16.84 11.42
C THR C 269 -15.02 17.15 10.51
N LEU C 270 -15.43 16.18 9.70
CA LEU C 270 -16.68 16.32 8.97
C LEU C 270 -17.83 16.44 9.94
N ALA C 271 -17.79 15.65 11.01
CA ALA C 271 -18.88 15.55 11.99
C ALA C 271 -19.02 16.83 12.82
N THR C 272 -17.90 17.38 13.31
CA THR C 272 -17.92 18.67 14.05
C THR C 272 -18.51 19.84 13.22
N TRP C 273 -18.10 19.95 11.97
CA TRP C 273 -18.65 20.91 11.03
C TRP C 273 -20.09 20.60 10.65
N TYR C 274 -20.53 19.34 10.75
CA TYR C 274 -21.98 19.05 10.55
C TYR C 274 -22.84 19.80 11.56
N LYS C 275 -22.39 19.79 12.81
CA LYS C 275 -22.85 20.71 13.85
C LYS C 275 -22.50 22.11 13.39
N SER C 276 -22.76 23.14 14.18
CA SER C 276 -22.47 24.50 13.70
C SER C 276 -23.34 24.90 12.51
N ASN C 277 -24.33 24.07 12.15
CA ASN C 277 -25.35 24.35 11.12
C ASN C 277 -26.22 23.15 10.77
N LEU C 315 -18.63 30.83 12.65
CA LEU C 315 -18.07 29.89 11.71
C LEU C 315 -17.87 28.44 12.30
N TYR C 316 -16.79 27.77 11.87
CA TYR C 316 -16.22 26.53 12.42
C TYR C 316 -14.69 26.64 12.23
N SER C 317 -13.90 26.03 13.11
CA SER C 317 -12.44 26.22 13.05
C SER C 317 -11.63 24.94 12.78
N PRO C 318 -11.02 24.82 11.58
CA PRO C 318 -10.22 23.67 11.22
C PRO C 318 -9.14 23.39 12.24
N GLN C 319 -8.34 24.41 12.59
CA GLN C 319 -7.24 24.23 13.55
C GLN C 319 -7.74 23.60 14.86
N MET C 320 -8.98 23.91 15.23
CA MET C 320 -9.54 23.43 16.50
C MET C 320 -10.13 22.04 16.39
N ALA C 321 -10.92 21.81 15.31
CA ALA C 321 -11.48 20.47 14.98
C ALA C 321 -10.42 19.38 14.95
N LEU C 322 -9.31 19.71 14.30
CA LEU C 322 -8.09 18.92 14.29
C LEU C 322 -7.60 18.61 15.72
N LYS C 323 -7.29 19.64 16.50
CA LYS C 323 -6.91 19.49 17.91
C LYS C 323 -7.86 18.52 18.65
N LEU C 324 -9.18 18.61 18.37
CA LEU C 324 -10.17 17.75 19.02
C LEU C 324 -10.07 16.29 18.58
N ALA C 325 -10.13 16.08 17.26
CA ALA C 325 -9.96 14.79 16.62
C ALA C 325 -8.68 14.08 17.06
N LEU C 326 -7.54 14.78 17.06
CA LEU C 326 -6.27 14.16 17.45
C LEU C 326 -6.23 13.71 18.92
N THR C 327 -6.82 14.49 19.82
CA THR C 327 -6.86 14.12 21.25
C THR C 327 -7.78 12.91 21.51
N GLU C 328 -8.94 12.89 20.84
CA GLU C 328 -9.87 11.76 20.84
C GLU C 328 -9.26 10.54 20.13
N TRP C 329 -8.59 10.79 19.00
CA TRP C 329 -7.91 9.74 18.25
C TRP C 329 -6.82 9.11 19.08
N LEU C 330 -6.07 9.91 19.83
CA LEU C 330 -4.97 9.39 20.65
C LEU C 330 -5.41 8.29 21.62
N GLN C 331 -6.71 8.28 21.97
CA GLN C 331 -7.27 7.31 22.92
C GLN C 331 -7.22 5.86 22.41
N GLU C 332 -7.21 5.70 21.08
CA GLU C 332 -7.24 4.38 20.44
C GLU C 332 -5.92 3.55 20.44
N PHE C 333 -4.77 4.19 20.64
CA PHE C 333 -3.46 3.54 20.46
C PHE C 333 -2.97 2.58 21.56
N SER C 352 5.32 4.38 23.64
CA SER C 352 3.94 4.64 23.20
C SER C 352 3.78 6.12 22.89
N VAL C 353 2.78 6.42 22.06
CA VAL C 353 2.76 7.65 21.29
C VAL C 353 2.16 8.82 22.05
N THR C 354 2.77 10.00 21.88
CA THR C 354 2.33 11.27 22.48
C THR C 354 1.37 12.05 21.54
N LEU C 355 0.65 13.03 22.07
CA LEU C 355 -0.16 13.90 21.21
C LEU C 355 0.67 14.65 20.17
N GLU C 356 1.91 15.03 20.54
CA GLU C 356 2.85 15.75 19.68
C GLU C 356 3.16 14.95 18.40
N ASP C 357 3.35 13.63 18.59
CA ASP C 357 3.54 12.66 17.52
C ASP C 357 2.43 12.70 16.47
N LEU C 358 1.18 12.76 16.94
CA LEU C 358 0.04 12.75 16.05
C LEU C 358 -0.12 14.07 15.36
N GLN C 359 0.21 15.13 16.10
CA GLN C 359 0.24 16.51 15.57
C GLN C 359 1.22 16.60 14.40
N LEU C 360 2.40 15.97 14.58
CA LEU C 360 3.45 15.90 13.55
C LEU C 360 2.99 15.03 12.37
N LEU C 361 2.57 13.80 12.69
CA LEU C 361 2.01 12.87 11.71
C LEU C 361 0.93 13.51 10.80
N ALA C 362 -0.02 14.25 11.38
CA ALA C 362 -1.06 14.92 10.58
C ALA C 362 -0.47 16.05 9.78
N ASP C 363 0.57 16.68 10.34
CA ASP C 363 1.25 17.77 9.62
C ASP C 363 2.03 17.26 8.38
N LEU C 364 2.65 16.08 8.50
CA LEU C 364 3.40 15.46 7.39
C LEU C 364 2.47 14.94 6.25
N PHE C 365 1.23 14.57 6.61
CA PHE C 365 0.23 14.14 5.63
C PHE C 365 -1.04 14.89 5.90
N TYR C 366 -1.14 16.09 5.32
CA TYR C 366 -2.24 17.02 5.64
C TYR C 366 -3.37 17.03 4.62
N LEU C 367 -3.20 17.71 3.49
CA LEU C 367 -4.34 17.90 2.60
C LEU C 367 -3.85 18.02 1.20
N PRO C 368 -4.70 17.70 0.21
CA PRO C 368 -4.16 17.60 -1.15
C PRO C 368 -3.51 18.90 -1.72
N TYR C 369 -3.63 20.01 -1.01
CA TYR C 369 -3.10 21.32 -1.46
C TYR C 369 -2.31 22.03 -0.38
N GLU C 370 -2.12 21.36 0.74
CA GLU C 370 -1.56 22.02 1.89
C GLU C 370 -0.88 21.01 2.80
N HIS C 371 0.36 21.32 3.16
CA HIS C 371 1.08 20.64 4.23
C HIS C 371 0.67 21.27 5.57
N GLY C 372 1.03 20.60 6.66
CA GLY C 372 0.76 21.12 8.01
C GLY C 372 1.81 22.15 8.37
N PRO C 373 1.60 22.90 9.46
CA PRO C 373 2.63 23.73 10.11
C PRO C 373 4.03 23.10 10.24
N LYS C 374 4.20 22.06 11.07
CA LYS C 374 5.53 21.45 11.27
C LYS C 374 6.16 20.94 9.94
N GLY C 375 5.33 20.56 8.98
CA GLY C 375 5.79 19.94 7.74
C GLY C 375 6.25 21.00 6.80
N ALA C 376 5.44 22.05 6.67
CA ALA C 376 5.82 23.20 5.85
C ALA C 376 7.10 23.88 6.41
N GLN C 377 7.18 23.98 7.74
CA GLN C 377 8.32 24.58 8.41
C GLN C 377 9.60 23.79 8.12
N MET C 378 9.53 22.47 8.25
CA MET C 378 10.64 21.62 7.87
C MET C 378 11.03 21.87 6.43
N LEU C 379 10.07 22.21 5.56
CA LEU C 379 10.38 22.34 4.15
C LEU C 379 11.16 23.63 3.86
N ARG C 380 10.62 24.79 4.31
CA ARG C 380 11.34 26.10 4.31
C ARG C 380 12.74 25.97 4.90
N GLU C 381 12.85 25.27 6.04
CA GLU C 381 14.09 25.17 6.76
C GLU C 381 15.17 24.44 5.97
N PHE C 382 14.79 23.34 5.32
CA PHE C 382 15.72 22.56 4.52
C PHE C 382 16.03 23.30 3.23
N GLN C 383 15.00 23.94 2.65
CA GLN C 383 15.15 24.84 1.50
C GLN C 383 16.15 25.98 1.72
N TRP C 384 16.05 26.63 2.89
CA TRP C 384 16.98 27.67 3.33
C TRP C 384 18.42 27.10 3.44
N LEU C 385 18.53 25.95 4.11
CA LEU C 385 19.81 25.38 4.43
C LEU C 385 20.54 24.99 3.16
N ARG C 386 19.83 24.36 2.24
CA ARG C 386 20.43 23.91 1.00
C ARG C 386 20.87 25.09 0.13
N ALA C 387 20.05 26.15 0.12
CA ALA C 387 20.33 27.38 -0.62
C ALA C 387 21.61 28.11 -0.16
N ASN C 388 21.71 28.36 1.13
CA ASN C 388 22.80 29.19 1.67
C ASN C 388 23.97 28.39 2.23
N SER C 389 24.72 27.74 1.35
CA SER C 389 25.96 27.06 1.77
C SER C 389 27.24 27.93 1.66
N SER C 390 28.33 27.43 2.22
CA SER C 390 29.58 28.17 2.33
C SER C 390 30.80 27.22 2.31
N ILE C 404 28.20 35.89 10.99
CA ILE C 404 28.42 35.00 9.83
C ILE C 404 27.70 33.62 9.95
N GLU C 405 27.34 33.22 11.18
CA GLU C 405 27.14 31.78 11.54
C GLU C 405 25.78 31.18 12.00
N GLU C 406 24.72 31.59 11.33
CA GLU C 406 23.38 31.07 11.63
C GLU C 406 23.09 29.68 11.01
N TRP C 407 23.87 29.30 9.98
CA TRP C 407 23.74 28.00 9.30
C TRP C 407 23.89 26.82 10.29
N ARG C 408 25.06 26.67 10.92
CA ARG C 408 25.34 25.63 11.92
C ARG C 408 24.25 25.57 13.01
N SER C 409 23.74 26.74 13.36
CA SER C 409 22.72 26.88 14.38
C SER C 409 21.42 26.24 13.91
N ARG C 410 21.10 26.41 12.64
CA ARG C 410 19.80 26.02 12.07
C ARG C 410 19.82 24.58 11.58
N ALA C 411 21.00 24.15 11.11
CA ALA C 411 21.25 22.76 10.80
C ALA C 411 21.16 21.87 12.05
N ALA C 412 21.55 22.40 13.21
CA ALA C 412 21.45 21.64 14.45
C ALA C 412 19.99 21.41 14.84
N LYS C 413 19.19 22.48 14.81
CA LYS C 413 17.77 22.39 15.14
C LYS C 413 16.97 21.60 14.09
N PHE C 414 17.42 21.65 12.84
CA PHE C 414 16.81 20.85 11.79
C PHE C 414 17.10 19.36 11.96
N GLU C 415 18.35 19.01 12.26
CA GLU C 415 18.72 17.63 12.57
C GLU C 415 17.90 17.08 13.73
N GLU C 416 17.42 17.98 14.60
CA GLU C 416 16.54 17.60 15.71
C GLU C 416 15.10 17.39 15.26
N MET C 417 14.61 18.27 14.40
CA MET C 417 13.27 18.09 13.84
C MET C 417 13.14 16.74 13.11
N CYS C 418 14.15 16.34 12.33
CA CYS C 418 14.21 15.02 11.72
C CYS C 418 14.09 13.91 12.78
N GLY C 419 14.87 14.02 13.85
CA GLY C 419 14.85 13.02 14.94
C GLY C 419 13.47 12.83 15.56
N LEU C 420 12.66 13.88 15.58
CA LEU C 420 11.31 13.79 16.07
C LEU C 420 10.39 12.96 15.18
N VAL C 421 10.72 12.88 13.89
CA VAL C 421 10.01 11.99 12.97
C VAL C 421 10.40 10.53 13.24
N MET C 422 11.71 10.22 13.25
CA MET C 422 12.21 8.91 13.73
C MET C 422 11.55 8.49 15.04
N GLY C 423 11.43 9.44 15.97
CA GLY C 423 10.77 9.23 17.27
C GLY C 423 9.32 8.83 17.14
N MET C 424 8.61 9.50 16.24
CA MET C 424 7.19 9.26 16.04
C MET C 424 6.95 7.88 15.43
N PHE C 425 7.84 7.47 14.53
CA PHE C 425 7.83 6.11 13.93
C PHE C 425 8.11 5.03 14.97
N THR C 426 9.13 5.23 15.79
CA THR C 426 9.44 4.28 16.86
C THR C 426 8.25 4.06 17.79
N ARG C 427 7.65 5.16 18.24
CA ARG C 427 6.53 5.06 19.14
C ARG C 427 5.27 4.44 18.49
N LEU C 428 4.97 4.82 17.25
CA LEU C 428 3.90 4.14 16.51
C LEU C 428 4.12 2.64 16.35
N SER C 429 5.35 2.22 16.13
CA SER C 429 5.59 0.81 15.86
C SER C 429 5.57 -0.03 17.15
N ASN C 430 5.83 0.62 18.27
CA ASN C 430 5.74 -0.05 19.56
C ASN C 430 4.32 -0.02 20.11
N CYS C 431 3.37 0.57 19.37
CA CYS C 431 2.06 0.85 19.93
C CYS C 431 1.19 -0.41 19.98
N ALA C 432 0.03 -0.34 20.64
CA ALA C 432 -0.80 -1.51 20.90
C ALA C 432 -1.94 -1.76 19.93
N ASN C 433 -2.37 -0.72 19.20
CA ASN C 433 -3.49 -0.84 18.22
C ASN C 433 -2.94 -1.15 16.85
N ARG C 434 -2.81 -2.45 16.58
CA ARG C 434 -2.08 -2.91 15.42
C ARG C 434 -2.86 -2.71 14.12
N THR C 435 -4.20 -2.66 14.18
CA THR C 435 -5.02 -2.41 12.98
C THR C 435 -4.62 -1.05 12.44
N ILE C 436 -4.43 -0.07 13.34
CA ILE C 436 -4.04 1.31 12.99
C ILE C 436 -2.59 1.37 12.45
N LEU C 437 -1.65 0.73 13.15
CA LEU C 437 -0.28 0.64 12.62
C LEU C 437 -0.24 0.16 11.17
N TYR C 438 -0.76 -1.06 10.94
CA TYR C 438 -0.69 -1.69 9.64
C TYR C 438 -1.27 -0.82 8.50
N ASP C 439 -2.40 -0.15 8.72
CA ASP C 439 -2.99 0.68 7.68
C ASP C 439 -2.08 1.84 7.25
N MET C 440 -1.15 2.21 8.11
CA MET C 440 -0.41 3.44 7.86
C MET C 440 1.04 3.18 7.76
N TYR C 441 1.39 1.93 7.98
CA TYR C 441 2.75 1.56 8.14
C TYR C 441 3.61 2.10 6.99
N SER C 442 3.23 1.77 5.77
CA SER C 442 4.12 2.03 4.68
C SER C 442 4.26 3.58 4.43
N TYR C 443 3.24 4.36 4.80
CA TYR C 443 3.27 5.83 4.73
C TYR C 443 4.27 6.41 5.71
N VAL C 444 4.25 5.94 6.95
CA VAL C 444 5.16 6.47 7.97
C VAL C 444 6.57 6.04 7.67
N TRP C 445 6.73 4.80 7.22
CA TRP C 445 8.05 4.31 6.88
C TRP C 445 8.71 5.18 5.76
N ASP C 446 7.90 5.61 4.79
CA ASP C 446 8.44 6.32 3.65
C ASP C 446 9.00 7.66 4.14
N ILE C 447 8.23 8.38 4.97
CA ILE C 447 8.60 9.70 5.47
C ILE C 447 9.84 9.66 6.37
N LYS C 448 9.88 8.69 7.25
CA LYS C 448 11.01 8.49 8.13
C LYS C 448 12.30 8.23 7.35
N SER C 449 12.22 7.44 6.28
CA SER C 449 13.47 7.10 5.60
C SER C 449 13.94 8.25 4.73
N ILE C 450 13.01 9.00 4.14
CA ILE C 450 13.30 10.26 3.48
C ILE C 450 13.94 11.29 4.43
N MET C 451 13.31 11.60 5.58
CA MET C 451 13.91 12.55 6.55
C MET C 451 15.28 12.06 6.96
N SER C 452 15.41 10.76 7.11
CA SER C 452 16.65 10.23 7.56
C SER C 452 17.75 10.47 6.50
N MET C 453 17.38 10.46 5.22
CA MET C 453 18.31 10.77 4.14
C MET C 453 18.56 12.29 4.07
N VAL C 454 17.49 13.07 4.26
CA VAL C 454 17.59 14.54 4.38
C VAL C 454 18.52 14.99 5.54
N LYS C 455 18.23 14.54 6.78
CA LYS C 455 19.17 14.68 7.91
C LYS C 455 20.60 14.28 7.55
N SER C 456 20.76 13.13 6.94
CA SER C 456 22.09 12.64 6.66
C SER C 456 22.78 13.54 5.60
N PHE C 457 21.98 14.21 4.78
CA PHE C 457 22.49 15.12 3.73
C PHE C 457 22.94 16.43 4.32
N VAL C 458 22.17 16.98 5.25
CA VAL C 458 22.49 18.23 5.93
C VAL C 458 23.83 18.08 6.66
N GLN C 459 23.98 16.97 7.40
CA GLN C 459 25.27 16.61 7.98
C GLN C 459 26.38 16.63 6.95
N TRP C 460 26.15 16.03 5.80
CA TRP C 460 27.15 16.01 4.73
C TRP C 460 27.51 17.42 4.26
N LEU C 461 26.52 18.28 4.14
CA LEU C 461 26.79 19.63 3.69
C LEU C 461 27.68 20.37 4.69
N GLY C 462 27.46 20.05 5.97
CA GLY C 462 28.14 20.65 7.09
C GLY C 462 29.54 20.11 7.36
N CYS C 463 29.74 18.78 7.36
CA CYS C 463 31.06 18.19 7.64
C CYS C 463 32.01 18.35 6.37
N ARG C 464 31.63 19.25 5.44
CA ARG C 464 32.27 19.47 4.10
C ARG C 464 33.48 20.46 4.01
N SER C 465 33.57 21.41 4.95
CA SER C 465 34.74 22.27 5.11
C SER C 465 35.99 21.48 5.51
N HIS C 466 35.81 20.23 5.96
CA HIS C 466 36.92 19.32 6.28
C HIS C 466 36.87 17.96 5.57
N SER C 467 36.11 17.88 4.49
CA SER C 467 36.10 16.68 3.66
C SER C 467 35.64 17.02 2.26
N SER C 468 36.02 16.18 1.31
CA SER C 468 35.45 16.23 -0.04
C SER C 468 35.11 14.81 -0.49
N ALA C 469 34.78 13.96 0.47
CA ALA C 469 34.11 12.69 0.23
C ALA C 469 32.69 13.00 -0.30
N GLN C 470 32.39 12.58 -1.53
CA GLN C 470 31.10 12.83 -2.22
C GLN C 470 29.92 12.17 -1.48
N PHE C 471 28.69 12.56 -1.83
CA PHE C 471 27.50 12.21 -1.00
C PHE C 471 27.02 10.71 -0.97
N LEU C 472 27.70 9.80 -1.66
CA LEU C 472 27.43 8.37 -1.46
C LEU C 472 28.72 7.61 -1.06
N ILE C 473 28.65 6.84 0.03
CA ILE C 473 29.83 6.10 0.61
C ILE C 473 30.63 5.24 -0.40
N GLU C 477 23.20 -0.32 -2.44
CA GLU C 477 21.95 -0.52 -1.69
C GLU C 477 20.83 0.33 -2.32
N PRO C 478 19.69 -0.32 -2.64
CA PRO C 478 18.79 0.24 -3.64
C PRO C 478 17.69 1.14 -3.06
N TRP C 479 17.68 1.30 -1.74
CA TRP C 479 16.82 2.32 -1.14
C TRP C 479 17.46 3.72 -1.10
N ALA C 480 18.60 3.85 -1.79
CA ALA C 480 19.19 5.13 -2.16
C ALA C 480 18.63 5.64 -3.51
N PHE C 481 18.27 4.72 -4.43
CA PHE C 481 17.71 5.09 -5.77
C PHE C 481 16.23 4.66 -5.99
N ARG C 482 15.35 5.61 -5.66
CA ARG C 482 13.95 5.37 -5.33
C ARG C 482 12.96 5.38 -6.50
N GLY C 483 11.89 4.62 -6.33
CA GLY C 483 10.72 4.81 -7.17
C GLY C 483 10.51 3.75 -8.20
N GLY C 484 11.51 2.89 -8.39
CA GLY C 484 11.53 1.92 -9.51
C GLY C 484 11.30 2.59 -10.86
N LEU C 485 10.85 1.84 -11.85
CA LEU C 485 10.67 2.36 -13.19
C LEU C 485 9.82 3.61 -13.23
N ALA C 486 8.72 3.59 -12.48
CA ALA C 486 7.78 4.70 -12.47
C ALA C 486 8.51 5.98 -12.08
N GLY C 487 9.30 5.87 -11.01
CA GLY C 487 10.20 6.95 -10.56
C GLY C 487 11.09 7.51 -11.66
N GLU C 488 11.60 6.65 -12.54
CA GLU C 488 12.53 7.08 -13.59
C GLU C 488 11.84 7.85 -14.69
N PHE C 489 10.63 7.40 -15.04
CA PHE C 489 9.80 8.08 -16.01
C PHE C 489 9.39 9.45 -15.50
N GLN C 490 9.09 9.55 -14.20
CA GLN C 490 8.61 10.77 -13.62
C GLN C 490 9.67 11.84 -13.62
N ARG C 491 10.92 11.46 -13.38
CA ARG C 491 12.02 12.45 -13.28
C ARG C 491 12.42 13.05 -14.63
N LEU C 492 11.84 12.49 -15.70
CA LEU C 492 12.02 12.96 -17.08
C LEU C 492 10.94 13.96 -17.54
N LEU C 493 9.81 13.99 -16.86
CA LEU C 493 8.81 14.99 -17.12
C LEU C 493 9.14 16.30 -16.39
N PRO C 494 8.70 17.46 -16.95
CA PRO C 494 8.99 18.74 -16.27
C PRO C 494 8.05 19.03 -15.09
N THR D 3 -9.29 14.03 -14.90
CA THR D 3 -10.22 12.88 -15.09
C THR D 3 -9.97 11.88 -13.98
N SER D 4 -11.04 11.40 -13.34
CA SER D 4 -10.95 10.28 -12.39
C SER D 4 -10.48 8.98 -13.07
N THR D 5 -11.07 8.62 -14.22
CA THR D 5 -10.66 7.37 -14.95
C THR D 5 -11.56 7.04 -16.16
N SER D 6 -11.48 5.81 -16.68
CA SER D 6 -12.18 5.39 -17.91
C SER D 6 -11.59 4.09 -18.51
N LEU D 7 -11.91 3.88 -19.81
CA LEU D 7 -11.59 2.68 -20.63
C LEU D 7 -11.94 1.32 -20.01
C1 NAG E . 16.96 -6.06 6.67
C2 NAG E . 16.04 -7.00 7.64
C3 NAG E . 14.80 -7.58 6.83
C4 NAG E . 14.26 -6.52 5.91
C5 NAG E . 15.32 -6.55 4.80
C6 NAG E . 14.79 -5.70 3.60
C7 NAG E . 17.46 -9.09 7.37
C8 NAG E . 18.17 -10.33 8.05
N2 NAG E . 16.76 -8.16 8.12
O3 NAG E . 13.83 -7.76 7.90
O4 NAG E . 13.09 -7.14 5.37
O5 NAG E . 16.50 -5.83 5.31
O6 NAG E . 14.45 -4.39 4.08
O7 NAG E . 17.51 -8.95 6.14
C1 NAG F . -13.16 10.24 -9.48
C2 NAG F . -14.20 9.05 -9.06
C3 NAG F . -13.90 8.57 -7.54
C4 NAG F . -12.43 8.64 -7.16
C5 NAG F . -12.21 10.22 -7.18
C6 NAG F . -10.87 10.56 -6.49
C7 NAG F . -16.21 10.60 -8.38
C8 NAG F . -17.70 10.98 -8.54
N2 NAG F . -15.60 9.55 -9.15
O3 NAG F . -14.26 7.16 -7.47
O4 NAG F . -12.43 8.18 -5.80
O5 NAG F . -12.09 10.55 -8.59
O6 NAG F . -9.78 9.89 -7.21
O7 NAG F . -15.54 11.24 -7.55
#